data_2K8U
# 
_entry.id   2K8U 
# 
_audit_conform.dict_name       mmcif_pdbx.dic 
_audit_conform.dict_version    5.392 
_audit_conform.dict_location   http://mmcif.pdb.org/dictionaries/ascii/mmcif_pdbx.dic 
# 
loop_
_database_2.database_id 
_database_2.database_code 
_database_2.pdbx_database_accession 
_database_2.pdbx_DOI 
PDB   2K8U         pdb_00002k8u 10.2210/pdb2k8u/pdb 
RCSB  RCSB100821   ?            ?                   
WWPDB D_1000100821 ?            ?                   
# 
loop_
_pdbx_audit_revision_history.ordinal 
_pdbx_audit_revision_history.data_content_type 
_pdbx_audit_revision_history.major_revision 
_pdbx_audit_revision_history.minor_revision 
_pdbx_audit_revision_history.revision_date 
1 'Structure model' 1 0 2008-11-04 
2 'Structure model' 1 1 2011-07-13 
3 'Structure model' 1 2 2022-03-16 
4 'Structure model' 1 3 2024-05-22 
# 
_pdbx_audit_revision_details.ordinal             1 
_pdbx_audit_revision_details.revision_ordinal    1 
_pdbx_audit_revision_details.data_content_type   'Structure model' 
_pdbx_audit_revision_details.provider            repository 
_pdbx_audit_revision_details.type                'Initial release' 
_pdbx_audit_revision_details.description         ? 
_pdbx_audit_revision_details.details             ? 
# 
loop_
_pdbx_audit_revision_group.ordinal 
_pdbx_audit_revision_group.revision_ordinal 
_pdbx_audit_revision_group.data_content_type 
_pdbx_audit_revision_group.group 
1 2 'Structure model' 'Version format compliance' 
2 3 'Structure model' 'Data collection'           
3 3 'Structure model' 'Database references'       
4 3 'Structure model' 'Derived calculations'      
5 4 'Structure model' 'Data collection'           
# 
loop_
_pdbx_audit_revision_category.ordinal 
_pdbx_audit_revision_category.revision_ordinal 
_pdbx_audit_revision_category.data_content_type 
_pdbx_audit_revision_category.category 
1 3 'Structure model' database_2            
2 3 'Structure model' pdbx_nmr_software     
3 3 'Structure model' pdbx_nmr_spectrometer 
4 3 'Structure model' pdbx_struct_assembly  
5 3 'Structure model' pdbx_struct_oper_list 
6 3 'Structure model' struct_conn           
7 3 'Structure model' struct_site           
8 4 'Structure model' chem_comp_atom        
9 4 'Structure model' chem_comp_bond        
# 
loop_
_pdbx_audit_revision_item.ordinal 
_pdbx_audit_revision_item.revision_ordinal 
_pdbx_audit_revision_item.data_content_type 
_pdbx_audit_revision_item.item 
1 3 'Structure model' '_database_2.pdbx_DOI'                
2 3 'Structure model' '_database_2.pdbx_database_accession' 
3 3 'Structure model' '_pdbx_nmr_software.name'             
4 3 'Structure model' '_pdbx_nmr_spectrometer.model'        
5 3 'Structure model' '_struct_conn.pdbx_leaving_atom_flag' 
6 3 'Structure model' '_struct_site.pdbx_auth_asym_id'      
7 3 'Structure model' '_struct_site.pdbx_auth_comp_id'      
8 3 'Structure model' '_struct_site.pdbx_auth_seq_id'       
# 
_pdbx_database_status.deposit_site                    BMRB 
_pdbx_database_status.entry_id                        2K8U 
_pdbx_database_status.process_site                    RCSB 
_pdbx_database_status.recvd_initial_deposition_date   2008-09-23 
_pdbx_database_status.SG_entry                        ? 
_pdbx_database_status.status_code                     REL 
_pdbx_database_status.status_code_mr                  REL 
_pdbx_database_status.status_code_sf                  ? 
_pdbx_database_status.pdb_format_compatible           Y 
_pdbx_database_status.status_code_cs                  ? 
_pdbx_database_status.status_code_nmr_data            ? 
_pdbx_database_status.methods_development_category    ? 
# 
_pdbx_database_related.db_name        PDB 
_pdbx_database_related.db_id          2K8T 
_pdbx_database_related.content_type   unspecified 
_pdbx_database_related.details        'trans-4-hydroxynonenal derived dG adduct of (6R,8S,11R)-configuration opposite dC' 
# 
loop_
_audit_author.name 
_audit_author.pdbx_ordinal 
'Huang, H.'   1 
'Wang, H.'    2 
'Qi, N.'      3 
'Lloyd, R.S.' 4 
'Rizzo, C.J.' 5 
'Stone, M.P.' 6 
# 
_citation.id                        primary 
_citation.title                     
;The stereochemistry of trans-4-hydroxynonenal-derived exocyclic 1,N2-2'-deoxyguanosine adducts modulates formation of interstrand cross-links in the 5'-CpG-3' sequence.
;
_citation.journal_abbrev            Biochemistry 
_citation.journal_volume            47 
_citation.page_first                11457 
_citation.page_last                 11472 
_citation.year                      2008 
_citation.journal_id_ASTM           BICHAW 
_citation.country                   US 
_citation.journal_id_ISSN           0006-2960 
_citation.journal_id_CSD            0033 
_citation.book_publisher            ? 
_citation.pdbx_database_id_PubMed   18847226 
_citation.pdbx_database_id_DOI      10.1021/bi8011143 
# 
loop_
_citation_author.citation_id 
_citation_author.name 
_citation_author.ordinal 
_citation_author.identifier_ORCID 
primary 'Huang, H.'   1 ? 
primary 'Wang, H.'    2 ? 
primary 'Qi, N.'      3 ? 
primary 'Lloyd, R.S.' 4 ? 
primary 'Rizzo, C.J.' 5 ? 
primary 'Stone, M.P.' 6 ? 
# 
loop_
_entity.id 
_entity.type 
_entity.src_method 
_entity.pdbx_description 
_entity.formula_weight 
_entity.pdbx_number_of_molecules 
_entity.pdbx_ec 
_entity.pdbx_mutation 
_entity.pdbx_fragment 
_entity.details 
1 polymer     syn "5'-D(*DGP*DCP*DTP*DAP*DGP*DCP*DGP*DAP*DGP*DTP*DCP*DC)-3'" 3663.392 1 ? ? ? ? 
2 polymer     syn "5'-D(*DGP*DGP*DAP*DCP*DTP*DCP*DGP*DCP*DTP*DAP*DGP*DC)-3'" 3663.392 1 ? ? ? ? 
3 non-polymer syn '(2S,5R)-5-pentyltetrahydrofuran-2-ol'                     158.238  1 ? ? ? ? 
# 
loop_
_entity_poly.entity_id 
_entity_poly.type 
_entity_poly.nstd_linkage 
_entity_poly.nstd_monomer 
_entity_poly.pdbx_seq_one_letter_code 
_entity_poly.pdbx_seq_one_letter_code_can 
_entity_poly.pdbx_strand_id 
_entity_poly.pdbx_target_identifier 
1 polydeoxyribonucleotide no no '(DG)(DC)(DT)(DA)(DG)(DC)(DG)(DA)(DG)(DT)(DC)(DC)' GCTAGCGAGTCC A ? 
2 polydeoxyribonucleotide no no '(DG)(DG)(DA)(DC)(DT)(DC)(DG)(DC)(DT)(DA)(DG)(DC)' GGACTCGCTAGC B ? 
# 
_pdbx_entity_nonpoly.entity_id   3 
_pdbx_entity_nonpoly.name        '(2S,5R)-5-pentyltetrahydrofuran-2-ol' 
_pdbx_entity_nonpoly.comp_id     HNB 
# 
loop_
_entity_poly_seq.entity_id 
_entity_poly_seq.num 
_entity_poly_seq.mon_id 
_entity_poly_seq.hetero 
1 1  DG n 
1 2  DC n 
1 3  DT n 
1 4  DA n 
1 5  DG n 
1 6  DC n 
1 7  DG n 
1 8  DA n 
1 9  DG n 
1 10 DT n 
1 11 DC n 
1 12 DC n 
2 1  DG n 
2 2  DG n 
2 3  DA n 
2 4  DC n 
2 5  DT n 
2 6  DC n 
2 7  DG n 
2 8  DC n 
2 9  DT n 
2 10 DA n 
2 11 DG n 
2 12 DC n 
# 
loop_
_pdbx_entity_src_syn.entity_id 
_pdbx_entity_src_syn.pdbx_src_id 
_pdbx_entity_src_syn.pdbx_alt_source_flag 
_pdbx_entity_src_syn.pdbx_beg_seq_num 
_pdbx_entity_src_syn.pdbx_end_seq_num 
_pdbx_entity_src_syn.organism_scientific 
_pdbx_entity_src_syn.organism_common_name 
_pdbx_entity_src_syn.ncbi_taxonomy_id 
_pdbx_entity_src_syn.details 
1 1 sample ? ? ? ? ? 'DNA strand A' 
2 1 sample ? ? ? ? ? 'DNA strand B' 
# 
loop_
_chem_comp.id 
_chem_comp.type 
_chem_comp.mon_nstd_flag 
_chem_comp.name 
_chem_comp.pdbx_synonyms 
_chem_comp.formula 
_chem_comp.formula_weight 
DA  'DNA linking' y "2'-DEOXYADENOSINE-5'-MONOPHOSPHATE"   ? 'C10 H14 N5 O6 P' 331.222 
DC  'DNA linking' y "2'-DEOXYCYTIDINE-5'-MONOPHOSPHATE"    ? 'C9 H14 N3 O7 P'  307.197 
DG  'DNA linking' y "2'-DEOXYGUANOSINE-5'-MONOPHOSPHATE"   ? 'C10 H14 N5 O7 P' 347.221 
DT  'DNA linking' y "THYMIDINE-5'-MONOPHOSPHATE"           ? 'C10 H15 N2 O8 P' 322.208 
HNB non-polymer   . '(2S,5R)-5-pentyltetrahydrofuran-2-ol' ? 'C9 H18 O2'       158.238 
# 
loop_
_pdbx_poly_seq_scheme.asym_id 
_pdbx_poly_seq_scheme.entity_id 
_pdbx_poly_seq_scheme.seq_id 
_pdbx_poly_seq_scheme.mon_id 
_pdbx_poly_seq_scheme.ndb_seq_num 
_pdbx_poly_seq_scheme.pdb_seq_num 
_pdbx_poly_seq_scheme.auth_seq_num 
_pdbx_poly_seq_scheme.pdb_mon_id 
_pdbx_poly_seq_scheme.auth_mon_id 
_pdbx_poly_seq_scheme.pdb_strand_id 
_pdbx_poly_seq_scheme.pdb_ins_code 
_pdbx_poly_seq_scheme.hetero 
A 1 1  DG 1  1  1  DG DG A . n 
A 1 2  DC 2  2  2  DC DC A . n 
A 1 3  DT 3  3  3  DT DT A . n 
A 1 4  DA 4  4  4  DA DA A . n 
A 1 5  DG 5  5  5  DG DG A . n 
A 1 6  DC 6  6  6  DC DC A . n 
A 1 7  DG 7  7  7  DG DG A . n 
A 1 8  DA 8  8  8  DA DA A . n 
A 1 9  DG 9  9  9  DG DG A . n 
A 1 10 DT 10 10 10 DT DT A . n 
A 1 11 DC 11 11 11 DC DC A . n 
A 1 12 DC 12 12 12 DC DC A . n 
B 2 1  DG 1  13 13 DG DG B . n 
B 2 2  DG 2  14 14 DG DG B . n 
B 2 3  DA 3  15 15 DA DA B . n 
B 2 4  DC 4  16 16 DC DC B . n 
B 2 5  DT 5  17 17 DT DT B . n 
B 2 6  DC 6  18 18 DC DC B . n 
B 2 7  DG 7  19 19 DG DG B . n 
B 2 8  DC 8  20 20 DC DC B . n 
B 2 9  DT 9  21 21 DT DT B . n 
B 2 10 DA 10 22 22 DA DA B . n 
B 2 11 DG 11 23 23 DG DG B . n 
B 2 12 DC 12 24 24 DC DC B . n 
# 
_pdbx_nonpoly_scheme.asym_id         C 
_pdbx_nonpoly_scheme.entity_id       3 
_pdbx_nonpoly_scheme.mon_id          HNB 
_pdbx_nonpoly_scheme.ndb_seq_num     1 
_pdbx_nonpoly_scheme.pdb_seq_num     125 
_pdbx_nonpoly_scheme.auth_seq_num    125 
_pdbx_nonpoly_scheme.pdb_mon_id      HNB 
_pdbx_nonpoly_scheme.auth_mon_id     HNB 
_pdbx_nonpoly_scheme.pdb_strand_id   A 
_pdbx_nonpoly_scheme.pdb_ins_code    . 
# 
_exptl.absorpt_coefficient_mu     ? 
_exptl.absorpt_correction_T_max   ? 
_exptl.absorpt_correction_T_min   ? 
_exptl.absorpt_correction_type    ? 
_exptl.absorpt_process_details    ? 
_exptl.crystals_number            ? 
_exptl.details                    ? 
_exptl.entry_id                   2K8U 
_exptl.method                     'SOLUTION NMR' 
_exptl.method_details             ? 
# 
_struct.entry_id                  2K8U 
_struct.title                     
'Solution NMR structure of trans-4-hydroxynonenal derived dG adduct of (6S,8R,11S)-configuration matched with dC' 
_struct.pdbx_model_details        ? 
_struct.pdbx_CASP_flag            ? 
_struct.pdbx_model_type_details   ? 
# 
_struct_keywords.entry_id        2K8U 
_struct_keywords.pdbx_keywords   DNA 
_struct_keywords.text            'HNE-dG (6S, 8R, 11S), HNE derived dG adduct, trans-4-hydroxynonenal, DNA' 
# 
loop_
_struct_asym.id 
_struct_asym.pdbx_blank_PDB_chainid_flag 
_struct_asym.pdbx_modified 
_struct_asym.entity_id 
_struct_asym.details 
A N N 1 ? 
B N N 2 ? 
C N N 3 ? 
# 
loop_
_struct_ref.id 
_struct_ref.db_name 
_struct_ref.db_code 
_struct_ref.pdbx_db_accession 
_struct_ref.entity_id 
_struct_ref.pdbx_align_begin 
_struct_ref.pdbx_seq_one_letter_code 
_struct_ref.pdbx_db_isoform 
1 PDB 2K8U 2K8U 1 1 GCTAGCGAGTCC ? 
2 PDB 2K8U 2K8U 2 1 GGACTCGCTAGC ? 
# 
loop_
_struct_ref_seq.align_id 
_struct_ref_seq.ref_id 
_struct_ref_seq.pdbx_PDB_id_code 
_struct_ref_seq.pdbx_strand_id 
_struct_ref_seq.seq_align_beg 
_struct_ref_seq.pdbx_seq_align_beg_ins_code 
_struct_ref_seq.seq_align_end 
_struct_ref_seq.pdbx_seq_align_end_ins_code 
_struct_ref_seq.pdbx_db_accession 
_struct_ref_seq.db_align_beg 
_struct_ref_seq.pdbx_db_align_beg_ins_code 
_struct_ref_seq.db_align_end 
_struct_ref_seq.pdbx_db_align_end_ins_code 
_struct_ref_seq.pdbx_auth_seq_align_beg 
_struct_ref_seq.pdbx_auth_seq_align_end 
1 1 2K8U A 1 ? 12 ? 2K8U 1  ? 12 ? 1  12 
2 2 2K8U B 1 ? 12 ? 2K8U 13 ? 24 ? 13 24 
# 
_pdbx_struct_assembly.id                   1 
_pdbx_struct_assembly.details              author_defined_assembly 
_pdbx_struct_assembly.method_details       ? 
_pdbx_struct_assembly.oligomeric_details   dimeric 
_pdbx_struct_assembly.oligomeric_count     2 
# 
_pdbx_struct_assembly_gen.assembly_id       1 
_pdbx_struct_assembly_gen.oper_expression   1 
_pdbx_struct_assembly_gen.asym_id_list      A,B,C 
# 
_pdbx_struct_oper_list.id                   1 
_pdbx_struct_oper_list.type                 'identity operation' 
_pdbx_struct_oper_list.name                 1_555 
_pdbx_struct_oper_list.symmetry_operation   x,y,z 
_pdbx_struct_oper_list.matrix[1][1]         1.0000000000 
_pdbx_struct_oper_list.matrix[1][2]         0.0000000000 
_pdbx_struct_oper_list.matrix[1][3]         0.0000000000 
_pdbx_struct_oper_list.vector[1]            0.0000000000 
_pdbx_struct_oper_list.matrix[2][1]         0.0000000000 
_pdbx_struct_oper_list.matrix[2][2]         1.0000000000 
_pdbx_struct_oper_list.matrix[2][3]         0.0000000000 
_pdbx_struct_oper_list.vector[2]            0.0000000000 
_pdbx_struct_oper_list.matrix[3][1]         0.0000000000 
_pdbx_struct_oper_list.matrix[3][2]         0.0000000000 
_pdbx_struct_oper_list.matrix[3][3]         1.0000000000 
_pdbx_struct_oper_list.vector[3]            0.0000000000 
# 
_struct_biol.id        1 
_struct_biol.details   ? 
# 
loop_
_struct_conn.id 
_struct_conn.conn_type_id 
_struct_conn.pdbx_leaving_atom_flag 
_struct_conn.pdbx_PDB_id 
_struct_conn.ptnr1_label_asym_id 
_struct_conn.ptnr1_label_comp_id 
_struct_conn.ptnr1_label_seq_id 
_struct_conn.ptnr1_label_atom_id 
_struct_conn.pdbx_ptnr1_label_alt_id 
_struct_conn.pdbx_ptnr1_PDB_ins_code 
_struct_conn.pdbx_ptnr1_standard_comp_id 
_struct_conn.ptnr1_symmetry 
_struct_conn.ptnr2_label_asym_id 
_struct_conn.ptnr2_label_comp_id 
_struct_conn.ptnr2_label_seq_id 
_struct_conn.ptnr2_label_atom_id 
_struct_conn.pdbx_ptnr2_label_alt_id 
_struct_conn.pdbx_ptnr2_PDB_ins_code 
_struct_conn.ptnr1_auth_asym_id 
_struct_conn.ptnr1_auth_comp_id 
_struct_conn.ptnr1_auth_seq_id 
_struct_conn.ptnr2_auth_asym_id 
_struct_conn.ptnr2_auth_comp_id 
_struct_conn.ptnr2_auth_seq_id 
_struct_conn.ptnr2_symmetry 
_struct_conn.pdbx_ptnr3_label_atom_id 
_struct_conn.pdbx_ptnr3_label_seq_id 
_struct_conn.pdbx_ptnr3_label_comp_id 
_struct_conn.pdbx_ptnr3_label_asym_id 
_struct_conn.pdbx_ptnr3_label_alt_id 
_struct_conn.pdbx_ptnr3_PDB_ins_code 
_struct_conn.details 
_struct_conn.pdbx_dist_value 
_struct_conn.pdbx_value_order 
_struct_conn.pdbx_role 
covale1  covale none ? A DG 7  N2 ? ? ? 1_555 C HNB .  C3 ? ? A DG 7  A HNB 125 1_555 ? ? ? ? ? ? ?            1.467 ? ? 
hydrog1  hydrog ?    ? A DG 1  N1 ? ? ? 1_555 B DC  12 N3 ? ? A DG 1  B DC  24  1_555 ? ? ? ? ? ? WATSON-CRICK ?     ? ? 
hydrog2  hydrog ?    ? A DG 1  N2 ? ? ? 1_555 B DC  12 O2 ? ? A DG 1  B DC  24  1_555 ? ? ? ? ? ? WATSON-CRICK ?     ? ? 
hydrog3  hydrog ?    ? A DG 1  O6 ? ? ? 1_555 B DC  12 N4 ? ? A DG 1  B DC  24  1_555 ? ? ? ? ? ? WATSON-CRICK ?     ? ? 
hydrog4  hydrog ?    ? A DC 2  N3 ? ? ? 1_555 B DG  11 N1 ? ? A DC 2  B DG  23  1_555 ? ? ? ? ? ? WATSON-CRICK ?     ? ? 
hydrog5  hydrog ?    ? A DC 2  N4 ? ? ? 1_555 B DG  11 O6 ? ? A DC 2  B DG  23  1_555 ? ? ? ? ? ? WATSON-CRICK ?     ? ? 
hydrog6  hydrog ?    ? A DC 2  O2 ? ? ? 1_555 B DG  11 N2 ? ? A DC 2  B DG  23  1_555 ? ? ? ? ? ? WATSON-CRICK ?     ? ? 
hydrog7  hydrog ?    ? A DT 3  N3 ? ? ? 1_555 B DA  10 N1 ? ? A DT 3  B DA  22  1_555 ? ? ? ? ? ? WATSON-CRICK ?     ? ? 
hydrog8  hydrog ?    ? A DT 3  O4 ? ? ? 1_555 B DA  10 N6 ? ? A DT 3  B DA  22  1_555 ? ? ? ? ? ? WATSON-CRICK ?     ? ? 
hydrog9  hydrog ?    ? A DA 4  N1 ? ? ? 1_555 B DT  9  N3 ? ? A DA 4  B DT  21  1_555 ? ? ? ? ? ? WATSON-CRICK ?     ? ? 
hydrog10 hydrog ?    ? A DA 4  N6 ? ? ? 1_555 B DT  9  O4 ? ? A DA 4  B DT  21  1_555 ? ? ? ? ? ? WATSON-CRICK ?     ? ? 
hydrog11 hydrog ?    ? A DG 5  N1 ? ? ? 1_555 B DC  8  N3 ? ? A DG 5  B DC  20  1_555 ? ? ? ? ? ? WATSON-CRICK ?     ? ? 
hydrog12 hydrog ?    ? A DG 5  N2 ? ? ? 1_555 B DC  8  O2 ? ? A DG 5  B DC  20  1_555 ? ? ? ? ? ? WATSON-CRICK ?     ? ? 
hydrog13 hydrog ?    ? A DG 5  O6 ? ? ? 1_555 B DC  8  N4 ? ? A DG 5  B DC  20  1_555 ? ? ? ? ? ? WATSON-CRICK ?     ? ? 
hydrog14 hydrog ?    ? A DC 6  N3 ? ? ? 1_555 B DG  7  N1 ? ? A DC 6  B DG  19  1_555 ? ? ? ? ? ? WATSON-CRICK ?     ? ? 
hydrog15 hydrog ?    ? A DC 6  N4 ? ? ? 1_555 B DG  7  O6 ? ? A DC 6  B DG  19  1_555 ? ? ? ? ? ? WATSON-CRICK ?     ? ? 
hydrog16 hydrog ?    ? A DC 6  O2 ? ? ? 1_555 B DG  7  N2 ? ? A DC 6  B DG  19  1_555 ? ? ? ? ? ? WATSON-CRICK ?     ? ? 
hydrog17 hydrog ?    ? A DG 7  N1 ? ? ? 1_555 B DC  6  N3 ? ? A DG 7  B DC  18  1_555 ? ? ? ? ? ? WATSON-CRICK ?     ? ? 
hydrog18 hydrog ?    ? A DG 7  N2 ? ? ? 1_555 B DC  6  O2 ? ? A DG 7  B DC  18  1_555 ? ? ? ? ? ? WATSON-CRICK ?     ? ? 
hydrog19 hydrog ?    ? A DG 7  O6 ? ? ? 1_555 B DC  6  N4 ? ? A DG 7  B DC  18  1_555 ? ? ? ? ? ? WATSON-CRICK ?     ? ? 
hydrog20 hydrog ?    ? A DA 8  N1 ? ? ? 1_555 B DT  5  N3 ? ? A DA 8  B DT  17  1_555 ? ? ? ? ? ? WATSON-CRICK ?     ? ? 
hydrog21 hydrog ?    ? A DA 8  N6 ? ? ? 1_555 B DT  5  O4 ? ? A DA 8  B DT  17  1_555 ? ? ? ? ? ? WATSON-CRICK ?     ? ? 
hydrog22 hydrog ?    ? A DG 9  N1 ? ? ? 1_555 B DC  4  N3 ? ? A DG 9  B DC  16  1_555 ? ? ? ? ? ? WATSON-CRICK ?     ? ? 
hydrog23 hydrog ?    ? A DG 9  N2 ? ? ? 1_555 B DC  4  O2 ? ? A DG 9  B DC  16  1_555 ? ? ? ? ? ? WATSON-CRICK ?     ? ? 
hydrog24 hydrog ?    ? A DG 9  O6 ? ? ? 1_555 B DC  4  N4 ? ? A DG 9  B DC  16  1_555 ? ? ? ? ? ? WATSON-CRICK ?     ? ? 
hydrog25 hydrog ?    ? A DT 10 N3 ? ? ? 1_555 B DA  3  N1 ? ? A DT 10 B DA  15  1_555 ? ? ? ? ? ? WATSON-CRICK ?     ? ? 
hydrog26 hydrog ?    ? A DT 10 O4 ? ? ? 1_555 B DA  3  N6 ? ? A DT 10 B DA  15  1_555 ? ? ? ? ? ? WATSON-CRICK ?     ? ? 
hydrog27 hydrog ?    ? A DC 11 N3 ? ? ? 1_555 B DG  2  N1 ? ? A DC 11 B DG  14  1_555 ? ? ? ? ? ? WATSON-CRICK ?     ? ? 
hydrog28 hydrog ?    ? A DC 11 N4 ? ? ? 1_555 B DG  2  O6 ? ? A DC 11 B DG  14  1_555 ? ? ? ? ? ? WATSON-CRICK ?     ? ? 
hydrog29 hydrog ?    ? A DC 11 O2 ? ? ? 1_555 B DG  2  N2 ? ? A DC 11 B DG  14  1_555 ? ? ? ? ? ? WATSON-CRICK ?     ? ? 
hydrog30 hydrog ?    ? A DC 12 N3 ? ? ? 1_555 B DG  1  N1 ? ? A DC 12 B DG  13  1_555 ? ? ? ? ? ? WATSON-CRICK ?     ? ? 
hydrog31 hydrog ?    ? A DC 12 N4 ? ? ? 1_555 B DG  1  O6 ? ? A DC 12 B DG  13  1_555 ? ? ? ? ? ? WATSON-CRICK ?     ? ? 
hydrog32 hydrog ?    ? A DC 12 O2 ? ? ? 1_555 B DG  1  N2 ? ? A DC 12 B DG  13  1_555 ? ? ? ? ? ? WATSON-CRICK ?     ? ? 
# 
loop_
_struct_conn_type.id 
_struct_conn_type.criteria 
_struct_conn_type.reference 
covale ? ? 
hydrog ? ? 
# 
_struct_site.id                   AC1 
_struct_site.pdbx_evidence_code   Software 
_struct_site.pdbx_auth_asym_id    A 
_struct_site.pdbx_auth_comp_id    HNB 
_struct_site.pdbx_auth_seq_id     125 
_struct_site.pdbx_auth_ins_code   ? 
_struct_site.pdbx_num_residues    7 
_struct_site.details              'BINDING SITE FOR RESIDUE HNB A 125' 
# 
loop_
_struct_site_gen.id 
_struct_site_gen.site_id 
_struct_site_gen.pdbx_num_res 
_struct_site_gen.label_comp_id 
_struct_site_gen.label_asym_id 
_struct_site_gen.label_seq_id 
_struct_site_gen.pdbx_auth_ins_code 
_struct_site_gen.auth_comp_id 
_struct_site_gen.auth_asym_id 
_struct_site_gen.auth_seq_id 
_struct_site_gen.label_atom_id 
_struct_site_gen.label_alt_id 
_struct_site_gen.symmetry 
_struct_site_gen.details 
1 AC1 7 DG A 7  ? DG A 7  . ? 1_555 ? 
2 AC1 7 DA A 8  ? DA A 8  . ? 1_555 ? 
3 AC1 7 DG A 9  ? DG A 9  . ? 1_555 ? 
4 AC1 7 DT A 10 ? DT A 10 . ? 1_555 ? 
5 AC1 7 DC B 6  ? DC B 18 . ? 1_555 ? 
6 AC1 7 DG B 7  ? DG B 19 . ? 1_555 ? 
7 AC1 7 DC B 8  ? DC B 20 . ? 1_555 ? 
# 
loop_
_pdbx_validate_rmsd_angle.id 
_pdbx_validate_rmsd_angle.PDB_model_num 
_pdbx_validate_rmsd_angle.auth_atom_id_1 
_pdbx_validate_rmsd_angle.auth_asym_id_1 
_pdbx_validate_rmsd_angle.auth_comp_id_1 
_pdbx_validate_rmsd_angle.auth_seq_id_1 
_pdbx_validate_rmsd_angle.PDB_ins_code_1 
_pdbx_validate_rmsd_angle.label_alt_id_1 
_pdbx_validate_rmsd_angle.auth_atom_id_2 
_pdbx_validate_rmsd_angle.auth_asym_id_2 
_pdbx_validate_rmsd_angle.auth_comp_id_2 
_pdbx_validate_rmsd_angle.auth_seq_id_2 
_pdbx_validate_rmsd_angle.PDB_ins_code_2 
_pdbx_validate_rmsd_angle.label_alt_id_2 
_pdbx_validate_rmsd_angle.auth_atom_id_3 
_pdbx_validate_rmsd_angle.auth_asym_id_3 
_pdbx_validate_rmsd_angle.auth_comp_id_3 
_pdbx_validate_rmsd_angle.auth_seq_id_3 
_pdbx_validate_rmsd_angle.PDB_ins_code_3 
_pdbx_validate_rmsd_angle.label_alt_id_3 
_pdbx_validate_rmsd_angle.angle_value 
_pdbx_validate_rmsd_angle.angle_target_value 
_pdbx_validate_rmsd_angle.angle_deviation 
_pdbx_validate_rmsd_angle.angle_standard_deviation 
_pdbx_validate_rmsd_angle.linker_flag 
1  1 N3    A DC 2  ? ? C2    A DC 2  ? ? O2 A DC 2  ? ? 116.94 121.90 -4.96 0.70 N 
2  1 C4    A DA 4  ? ? C5    A DA 4  ? ? C6 A DA 4  ? ? 113.67 117.00 -3.33 0.50 N 
3  1 C5    A DA 4  ? ? C6    A DA 4  ? ? N1 A DA 4  ? ? 121.13 117.70 3.43  0.50 N 
4  1 N1    A DA 4  ? ? C6    A DA 4  ? ? N6 A DA 4  ? ? 113.99 118.60 -4.61 0.60 N 
5  1 N3    A DC 6  ? ? C2    A DC 6  ? ? O2 A DC 6  ? ? 116.92 121.90 -4.98 0.70 N 
6  1 C4    A DA 8  ? ? C5    A DA 8  ? ? C6 A DA 8  ? ? 113.37 117.00 -3.63 0.50 N 
7  1 C5    A DA 8  ? ? C6    A DA 8  ? ? N1 A DA 8  ? ? 121.33 117.70 3.63  0.50 N 
8  1 N1    A DA 8  ? ? C6    A DA 8  ? ? N6 A DA 8  ? ? 113.00 118.60 -5.60 0.60 N 
9  1 "O4'" A DG 9  ? ? "C1'" A DG 9  ? ? N9 A DG 9  ? ? 110.98 108.30 2.68  0.30 N 
10 1 N3    A DC 11 ? ? C2    A DC 11 ? ? O2 A DC 11 ? ? 116.84 121.90 -5.06 0.70 N 
11 1 N3    A DC 12 ? ? C2    A DC 12 ? ? O2 A DC 12 ? ? 116.92 121.90 -4.98 0.70 N 
12 1 C4    B DA 15 ? ? C5    B DA 15 ? ? C6 B DA 15 ? ? 113.76 117.00 -3.24 0.50 N 
13 1 C5    B DA 15 ? ? C6    B DA 15 ? ? N1 B DA 15 ? ? 121.19 117.70 3.49  0.50 N 
14 1 N1    B DA 15 ? ? C6    B DA 15 ? ? N6 B DA 15 ? ? 113.83 118.60 -4.77 0.60 N 
15 1 "O4'" B DC 16 ? ? "C1'" B DC 16 ? ? N1 B DC 16 ? ? 110.46 108.30 2.16  0.30 N 
16 1 N3    B DC 16 ? ? C2    B DC 16 ? ? O2 B DC 16 ? ? 116.87 121.90 -5.03 0.70 N 
17 1 N3    B DC 18 ? ? C2    B DC 18 ? ? O2 B DC 18 ? ? 116.56 121.90 -5.34 0.70 N 
18 1 "O4'" B DG 19 ? ? "C1'" B DG 19 ? ? N9 B DG 19 ? ? 110.62 108.30 2.32  0.30 N 
19 1 N1    B DC 20 ? ? C2    B DC 20 ? ? O2 B DC 20 ? ? 122.57 118.90 3.67  0.60 N 
20 1 N3    B DC 20 ? ? C2    B DC 20 ? ? O2 B DC 20 ? ? 116.70 121.90 -5.20 0.70 N 
21 1 C4    B DA 22 ? ? C5    B DA 22 ? ? C6 B DA 22 ? ? 113.70 117.00 -3.30 0.50 N 
22 1 C5    B DA 22 ? ? C6    B DA 22 ? ? N1 B DA 22 ? ? 121.31 117.70 3.61  0.50 N 
23 1 N1    B DA 22 ? ? C6    B DA 22 ? ? N6 B DA 22 ? ? 114.01 118.60 -4.59 0.60 N 
24 1 N3    B DC 24 ? ? C2    B DC 24 ? ? O2 B DC 24 ? ? 116.84 121.90 -5.06 0.70 N 
# 
loop_
_pdbx_validate_chiral.id 
_pdbx_validate_chiral.PDB_model_num 
_pdbx_validate_chiral.auth_atom_id 
_pdbx_validate_chiral.label_alt_id 
_pdbx_validate_chiral.auth_asym_id 
_pdbx_validate_chiral.auth_comp_id 
_pdbx_validate_chiral.auth_seq_id 
_pdbx_validate_chiral.PDB_ins_code 
_pdbx_validate_chiral.details 
_pdbx_validate_chiral.omega 
1 1 C1 ? A HNB 125 ? 'WRONG HAND' . 
2 1 C4 ? A HNB 125 ? 'WRONG HAND' . 
# 
_pdbx_validate_planes.id              1 
_pdbx_validate_planes.PDB_model_num   1 
_pdbx_validate_planes.auth_comp_id    DG 
_pdbx_validate_planes.auth_asym_id    A 
_pdbx_validate_planes.auth_seq_id     7 
_pdbx_validate_planes.PDB_ins_code    ? 
_pdbx_validate_planes.label_alt_id    ? 
_pdbx_validate_planes.rmsd            0.062 
_pdbx_validate_planes.type            'SIDE CHAIN' 
# 
_pdbx_nmr_ensemble.average_constraint_violations_per_residue     ? 
_pdbx_nmr_ensemble.average_constraints_per_residue               ? 
_pdbx_nmr_ensemble.average_distance_constraint_violation         ? 
_pdbx_nmr_ensemble.average_torsion_angle_constraint_violation    ? 
_pdbx_nmr_ensemble.conformer_selection_criteria                  'back calculated data agree with experimental NOESY spectrum' 
_pdbx_nmr_ensemble.conformers_calculated_total_number            10 
_pdbx_nmr_ensemble.conformers_submitted_total_number             1 
_pdbx_nmr_ensemble.distance_constraint_violation_method          ? 
_pdbx_nmr_ensemble.entry_id                                      2K8U 
_pdbx_nmr_ensemble.maximum_distance_constraint_violation         ? 
_pdbx_nmr_ensemble.maximum_lower_distance_constraint_violation   ? 
_pdbx_nmr_ensemble.maximum_torsion_angle_constraint_violation    ? 
_pdbx_nmr_ensemble.maximum_upper_distance_constraint_violation   ? 
_pdbx_nmr_ensemble.torsion_angle_constraint_violation_method     ? 
# 
_pdbx_nmr_representative.conformer_id         1 
_pdbx_nmr_representative.entry_id             2K8U 
_pdbx_nmr_representative.selection_criteria   'closest to the average' 
# 
_pdbx_nmr_sample_details.contents         
;1 mM DNA (5'-D(*DGP*DCP*DTP*DAP*DGP*DCP*DGP*DAP*DGP*DTP*DCP*DC)-3'), 1 mM DNA (5'-D(*DGP*DGP*DAP*DCP*DTP*DCP*DGP*DCP*DTP*DAP*DGP*DC)-3'), 100% D2O
;
_pdbx_nmr_sample_details.solution_id      1 
_pdbx_nmr_sample_details.solvent_system   '100% D2O' 
# 
loop_
_pdbx_nmr_exptl_sample.component 
_pdbx_nmr_exptl_sample.concentration 
_pdbx_nmr_exptl_sample.concentration_units 
_pdbx_nmr_exptl_sample.isotopic_labeling 
_pdbx_nmr_exptl_sample.solution_id 
;DNA (5'-D(*DGP*DCP*DTP*DAP*DGP*DCP*DGP*DAP*DGP*DTP*DCP*DC)-3')
;
1 mM ? 1 
;DNA (5'-D(*DGP*DGP*DAP*DCP*DTP*DCP*DGP*DCP*DTP*DAP*DGP*DC)-3')
;
1 mM ? 1 
# 
_pdbx_nmr_exptl_sample_conditions.conditions_id       1 
_pdbx_nmr_exptl_sample_conditions.ionic_strength      100 
_pdbx_nmr_exptl_sample_conditions.pH                  7.0 
_pdbx_nmr_exptl_sample_conditions.pressure            ambient 
_pdbx_nmr_exptl_sample_conditions.pressure_units      ? 
_pdbx_nmr_exptl_sample_conditions.temperature         298 
_pdbx_nmr_exptl_sample_conditions.temperature_units   K 
# 
_pdbx_nmr_exptl.conditions_id   1 
_pdbx_nmr_exptl.experiment_id   1 
_pdbx_nmr_exptl.solution_id     1 
_pdbx_nmr_exptl.type            '2D 1H-1H NOESY' 
# 
_pdbx_nmr_refine.entry_id           2K8U 
_pdbx_nmr_refine.method             'simulated annealing' 
_pdbx_nmr_refine.details            ? 
_pdbx_nmr_refine.software_ordinal   1 
# 
_pdbx_nmr_software.authors          'Case, Darden, Cheatham, III, Simmerling, Wang, Duke, Luo, ... and Kollm' 
_pdbx_nmr_software.classification   refinement 
_pdbx_nmr_software.name             Amber 
_pdbx_nmr_software.version          7.0 
_pdbx_nmr_software.ordinal          1 
# 
loop_
_chem_comp_atom.comp_id 
_chem_comp_atom.atom_id 
_chem_comp_atom.type_symbol 
_chem_comp_atom.pdbx_aromatic_flag 
_chem_comp_atom.pdbx_stereo_config 
_chem_comp_atom.pdbx_ordinal 
DA  OP3    O N N 1   
DA  P      P N N 2   
DA  OP1    O N N 3   
DA  OP2    O N N 4   
DA  "O5'"  O N N 5   
DA  "C5'"  C N N 6   
DA  "C4'"  C N R 7   
DA  "O4'"  O N N 8   
DA  "C3'"  C N S 9   
DA  "O3'"  O N N 10  
DA  "C2'"  C N N 11  
DA  "C1'"  C N R 12  
DA  N9     N Y N 13  
DA  C8     C Y N 14  
DA  N7     N Y N 15  
DA  C5     C Y N 16  
DA  C6     C Y N 17  
DA  N6     N N N 18  
DA  N1     N Y N 19  
DA  C2     C Y N 20  
DA  N3     N Y N 21  
DA  C4     C Y N 22  
DA  HOP3   H N N 23  
DA  HOP2   H N N 24  
DA  "H5'"  H N N 25  
DA  "H5''" H N N 26  
DA  "H4'"  H N N 27  
DA  "H3'"  H N N 28  
DA  "HO3'" H N N 29  
DA  "H2'"  H N N 30  
DA  "H2''" H N N 31  
DA  "H1'"  H N N 32  
DA  H8     H N N 33  
DA  H61    H N N 34  
DA  H62    H N N 35  
DA  H2     H N N 36  
DC  OP3    O N N 37  
DC  P      P N N 38  
DC  OP1    O N N 39  
DC  OP2    O N N 40  
DC  "O5'"  O N N 41  
DC  "C5'"  C N N 42  
DC  "C4'"  C N R 43  
DC  "O4'"  O N N 44  
DC  "C3'"  C N S 45  
DC  "O3'"  O N N 46  
DC  "C2'"  C N N 47  
DC  "C1'"  C N R 48  
DC  N1     N N N 49  
DC  C2     C N N 50  
DC  O2     O N N 51  
DC  N3     N N N 52  
DC  C4     C N N 53  
DC  N4     N N N 54  
DC  C5     C N N 55  
DC  C6     C N N 56  
DC  HOP3   H N N 57  
DC  HOP2   H N N 58  
DC  "H5'"  H N N 59  
DC  "H5''" H N N 60  
DC  "H4'"  H N N 61  
DC  "H3'"  H N N 62  
DC  "HO3'" H N N 63  
DC  "H2'"  H N N 64  
DC  "H2''" H N N 65  
DC  "H1'"  H N N 66  
DC  H41    H N N 67  
DC  H42    H N N 68  
DC  H5     H N N 69  
DC  H6     H N N 70  
DG  OP3    O N N 71  
DG  P      P N N 72  
DG  OP1    O N N 73  
DG  OP2    O N N 74  
DG  "O5'"  O N N 75  
DG  "C5'"  C N N 76  
DG  "C4'"  C N R 77  
DG  "O4'"  O N N 78  
DG  "C3'"  C N S 79  
DG  "O3'"  O N N 80  
DG  "C2'"  C N N 81  
DG  "C1'"  C N R 82  
DG  N9     N Y N 83  
DG  C8     C Y N 84  
DG  N7     N Y N 85  
DG  C5     C Y N 86  
DG  C6     C N N 87  
DG  O6     O N N 88  
DG  N1     N N N 89  
DG  C2     C N N 90  
DG  N2     N N N 91  
DG  N3     N N N 92  
DG  C4     C Y N 93  
DG  HOP3   H N N 94  
DG  HOP2   H N N 95  
DG  "H5'"  H N N 96  
DG  "H5''" H N N 97  
DG  "H4'"  H N N 98  
DG  "H3'"  H N N 99  
DG  "HO3'" H N N 100 
DG  "H2'"  H N N 101 
DG  "H2''" H N N 102 
DG  "H1'"  H N N 103 
DG  H8     H N N 104 
DG  H1     H N N 105 
DG  H21    H N N 106 
DG  H22    H N N 107 
DT  OP3    O N N 108 
DT  P      P N N 109 
DT  OP1    O N N 110 
DT  OP2    O N N 111 
DT  "O5'"  O N N 112 
DT  "C5'"  C N N 113 
DT  "C4'"  C N R 114 
DT  "O4'"  O N N 115 
DT  "C3'"  C N S 116 
DT  "O3'"  O N N 117 
DT  "C2'"  C N N 118 
DT  "C1'"  C N R 119 
DT  N1     N N N 120 
DT  C2     C N N 121 
DT  O2     O N N 122 
DT  N3     N N N 123 
DT  C4     C N N 124 
DT  O4     O N N 125 
DT  C5     C N N 126 
DT  C7     C N N 127 
DT  C6     C N N 128 
DT  HOP3   H N N 129 
DT  HOP2   H N N 130 
DT  "H5'"  H N N 131 
DT  "H5''" H N N 132 
DT  "H4'"  H N N 133 
DT  "H3'"  H N N 134 
DT  "HO3'" H N N 135 
DT  "H2'"  H N N 136 
DT  "H2''" H N N 137 
DT  "H1'"  H N N 138 
DT  H3     H N N 139 
DT  H71    H N N 140 
DT  H72    H N N 141 
DT  H73    H N N 142 
DT  H6     H N N 143 
HNB C1     C N S 144 
HNB C2     C N N 145 
HNB C3     C N N 146 
HNB C4     C N R 147 
HNB C5     C N N 148 
HNB C6     C N N 149 
HNB C7     C N N 150 
HNB C8     C N N 151 
HNB C9     C N N 152 
HNB O4     O N N 153 
HNB O1     O N N 154 
HNB H3     H N N 155 
HNB H4     H N N 156 
HNB H1     H N N 157 
HNB HO1    H N N 158 
HNB H12    H N N 159 
HNB H22    H N N 160 
HNB H15    H N N 161 
HNB H25    H N N 162 
HNB H16    H N N 163 
HNB H26    H N N 164 
HNB H17    H N N 165 
HNB H27    H N N 166 
HNB H18    H N N 167 
HNB H28    H N N 168 
HNB H19    H N N 169 
HNB H29    H N N 170 
HNB H39    H N N 171 
HNB H3A    H N N 172 
# 
loop_
_chem_comp_bond.comp_id 
_chem_comp_bond.atom_id_1 
_chem_comp_bond.atom_id_2 
_chem_comp_bond.value_order 
_chem_comp_bond.pdbx_aromatic_flag 
_chem_comp_bond.pdbx_stereo_config 
_chem_comp_bond.pdbx_ordinal 
DA  OP3   P      sing N N 1   
DA  OP3   HOP3   sing N N 2   
DA  P     OP1    doub N N 3   
DA  P     OP2    sing N N 4   
DA  P     "O5'"  sing N N 5   
DA  OP2   HOP2   sing N N 6   
DA  "O5'" "C5'"  sing N N 7   
DA  "C5'" "C4'"  sing N N 8   
DA  "C5'" "H5'"  sing N N 9   
DA  "C5'" "H5''" sing N N 10  
DA  "C4'" "O4'"  sing N N 11  
DA  "C4'" "C3'"  sing N N 12  
DA  "C4'" "H4'"  sing N N 13  
DA  "O4'" "C1'"  sing N N 14  
DA  "C3'" "O3'"  sing N N 15  
DA  "C3'" "C2'"  sing N N 16  
DA  "C3'" "H3'"  sing N N 17  
DA  "O3'" "HO3'" sing N N 18  
DA  "C2'" "C1'"  sing N N 19  
DA  "C2'" "H2'"  sing N N 20  
DA  "C2'" "H2''" sing N N 21  
DA  "C1'" N9     sing N N 22  
DA  "C1'" "H1'"  sing N N 23  
DA  N9    C8     sing Y N 24  
DA  N9    C4     sing Y N 25  
DA  C8    N7     doub Y N 26  
DA  C8    H8     sing N N 27  
DA  N7    C5     sing Y N 28  
DA  C5    C6     sing Y N 29  
DA  C5    C4     doub Y N 30  
DA  C6    N6     sing N N 31  
DA  C6    N1     doub Y N 32  
DA  N6    H61    sing N N 33  
DA  N6    H62    sing N N 34  
DA  N1    C2     sing Y N 35  
DA  C2    N3     doub Y N 36  
DA  C2    H2     sing N N 37  
DA  N3    C4     sing Y N 38  
DC  OP3   P      sing N N 39  
DC  OP3   HOP3   sing N N 40  
DC  P     OP1    doub N N 41  
DC  P     OP2    sing N N 42  
DC  P     "O5'"  sing N N 43  
DC  OP2   HOP2   sing N N 44  
DC  "O5'" "C5'"  sing N N 45  
DC  "C5'" "C4'"  sing N N 46  
DC  "C5'" "H5'"  sing N N 47  
DC  "C5'" "H5''" sing N N 48  
DC  "C4'" "O4'"  sing N N 49  
DC  "C4'" "C3'"  sing N N 50  
DC  "C4'" "H4'"  sing N N 51  
DC  "O4'" "C1'"  sing N N 52  
DC  "C3'" "O3'"  sing N N 53  
DC  "C3'" "C2'"  sing N N 54  
DC  "C3'" "H3'"  sing N N 55  
DC  "O3'" "HO3'" sing N N 56  
DC  "C2'" "C1'"  sing N N 57  
DC  "C2'" "H2'"  sing N N 58  
DC  "C2'" "H2''" sing N N 59  
DC  "C1'" N1     sing N N 60  
DC  "C1'" "H1'"  sing N N 61  
DC  N1    C2     sing N N 62  
DC  N1    C6     sing N N 63  
DC  C2    O2     doub N N 64  
DC  C2    N3     sing N N 65  
DC  N3    C4     doub N N 66  
DC  C4    N4     sing N N 67  
DC  C4    C5     sing N N 68  
DC  N4    H41    sing N N 69  
DC  N4    H42    sing N N 70  
DC  C5    C6     doub N N 71  
DC  C5    H5     sing N N 72  
DC  C6    H6     sing N N 73  
DG  OP3   P      sing N N 74  
DG  OP3   HOP3   sing N N 75  
DG  P     OP1    doub N N 76  
DG  P     OP2    sing N N 77  
DG  P     "O5'"  sing N N 78  
DG  OP2   HOP2   sing N N 79  
DG  "O5'" "C5'"  sing N N 80  
DG  "C5'" "C4'"  sing N N 81  
DG  "C5'" "H5'"  sing N N 82  
DG  "C5'" "H5''" sing N N 83  
DG  "C4'" "O4'"  sing N N 84  
DG  "C4'" "C3'"  sing N N 85  
DG  "C4'" "H4'"  sing N N 86  
DG  "O4'" "C1'"  sing N N 87  
DG  "C3'" "O3'"  sing N N 88  
DG  "C3'" "C2'"  sing N N 89  
DG  "C3'" "H3'"  sing N N 90  
DG  "O3'" "HO3'" sing N N 91  
DG  "C2'" "C1'"  sing N N 92  
DG  "C2'" "H2'"  sing N N 93  
DG  "C2'" "H2''" sing N N 94  
DG  "C1'" N9     sing N N 95  
DG  "C1'" "H1'"  sing N N 96  
DG  N9    C8     sing Y N 97  
DG  N9    C4     sing Y N 98  
DG  C8    N7     doub Y N 99  
DG  C8    H8     sing N N 100 
DG  N7    C5     sing Y N 101 
DG  C5    C6     sing N N 102 
DG  C5    C4     doub Y N 103 
DG  C6    O6     doub N N 104 
DG  C6    N1     sing N N 105 
DG  N1    C2     sing N N 106 
DG  N1    H1     sing N N 107 
DG  C2    N2     sing N N 108 
DG  C2    N3     doub N N 109 
DG  N2    H21    sing N N 110 
DG  N2    H22    sing N N 111 
DG  N3    C4     sing N N 112 
DT  OP3   P      sing N N 113 
DT  OP3   HOP3   sing N N 114 
DT  P     OP1    doub N N 115 
DT  P     OP2    sing N N 116 
DT  P     "O5'"  sing N N 117 
DT  OP2   HOP2   sing N N 118 
DT  "O5'" "C5'"  sing N N 119 
DT  "C5'" "C4'"  sing N N 120 
DT  "C5'" "H5'"  sing N N 121 
DT  "C5'" "H5''" sing N N 122 
DT  "C4'" "O4'"  sing N N 123 
DT  "C4'" "C3'"  sing N N 124 
DT  "C4'" "H4'"  sing N N 125 
DT  "O4'" "C1'"  sing N N 126 
DT  "C3'" "O3'"  sing N N 127 
DT  "C3'" "C2'"  sing N N 128 
DT  "C3'" "H3'"  sing N N 129 
DT  "O3'" "HO3'" sing N N 130 
DT  "C2'" "C1'"  sing N N 131 
DT  "C2'" "H2'"  sing N N 132 
DT  "C2'" "H2''" sing N N 133 
DT  "C1'" N1     sing N N 134 
DT  "C1'" "H1'"  sing N N 135 
DT  N1    C2     sing N N 136 
DT  N1    C6     sing N N 137 
DT  C2    O2     doub N N 138 
DT  C2    N3     sing N N 139 
DT  N3    C4     sing N N 140 
DT  N3    H3     sing N N 141 
DT  C4    O4     doub N N 142 
DT  C4    C5     sing N N 143 
DT  C5    C7     sing N N 144 
DT  C5    C6     doub N N 145 
DT  C7    H71    sing N N 146 
DT  C7    H72    sing N N 147 
DT  C7    H73    sing N N 148 
DT  C6    H6     sing N N 149 
HNB O4    C1     sing N N 150 
HNB H1    C1     sing N N 151 
HNB O1    C1     sing N N 152 
HNB C1    C2     sing N N 153 
HNB C3    C2     sing N N 154 
HNB C2    H22    sing N N 155 
HNB C2    H12    sing N N 156 
HNB C4    C3     sing N N 157 
HNB C3    H3     sing N N 158 
HNB C3    H3A    sing N N 159 
HNB C5    C4     sing N N 160 
HNB O4    C4     sing N N 161 
HNB C4    H4     sing N N 162 
HNB C6    C5     sing N N 163 
HNB H25   C5     sing N N 164 
HNB C5    H15    sing N N 165 
HNB H26   C6     sing N N 166 
HNB H16   C6     sing N N 167 
HNB C6    C7     sing N N 168 
HNB H27   C7     sing N N 169 
HNB C7    C8     sing N N 170 
HNB C7    H17    sing N N 171 
HNB H18   C8     sing N N 172 
HNB C8    C9     sing N N 173 
HNB C8    H28    sing N N 174 
HNB H39   C9     sing N N 175 
HNB C9    H19    sing N N 176 
HNB C9    H29    sing N N 177 
HNB HO1   O1     sing N N 178 
# 
loop_
_ndb_struct_conf_na.entry_id 
_ndb_struct_conf_na.feature 
2K8U 'double helix'        
2K8U 'b-form double helix' 
# 
loop_
_ndb_struct_na_base_pair.model_number 
_ndb_struct_na_base_pair.i_label_asym_id 
_ndb_struct_na_base_pair.i_label_comp_id 
_ndb_struct_na_base_pair.i_label_seq_id 
_ndb_struct_na_base_pair.i_symmetry 
_ndb_struct_na_base_pair.j_label_asym_id 
_ndb_struct_na_base_pair.j_label_comp_id 
_ndb_struct_na_base_pair.j_label_seq_id 
_ndb_struct_na_base_pair.j_symmetry 
_ndb_struct_na_base_pair.shear 
_ndb_struct_na_base_pair.stretch 
_ndb_struct_na_base_pair.stagger 
_ndb_struct_na_base_pair.buckle 
_ndb_struct_na_base_pair.propeller 
_ndb_struct_na_base_pair.opening 
_ndb_struct_na_base_pair.pair_number 
_ndb_struct_na_base_pair.pair_name 
_ndb_struct_na_base_pair.i_auth_asym_id 
_ndb_struct_na_base_pair.i_auth_seq_id 
_ndb_struct_na_base_pair.i_PDB_ins_code 
_ndb_struct_na_base_pair.j_auth_asym_id 
_ndb_struct_na_base_pair.j_auth_seq_id 
_ndb_struct_na_base_pair.j_PDB_ins_code 
_ndb_struct_na_base_pair.hbond_type_28 
_ndb_struct_na_base_pair.hbond_type_12 
1 A DG 1  1_555 B DC 12 1_555 -0.476 -0.121 0.084  1.248  -1.809  -0.673 1  A_DG1:DC24_B  A 1  ? B 24 ? 19 1 
1 A DC 2  1_555 B DG 11 1_555 0.363  -0.136 0.168  2.409  -6.521  -1.552 2  A_DC2:DG23_B  A 2  ? B 23 ? 19 1 
1 A DT 3  1_555 B DA 10 1_555 -0.092 0.000  -0.037 9.271  -10.571 -2.478 3  A_DT3:DA22_B  A 3  ? B 22 ? 20 1 
1 A DA 4  1_555 B DT 9  1_555 -0.050 -0.059 0.110  2.069  -13.739 -0.312 4  A_DA4:DT21_B  A 4  ? B 21 ? 20 1 
1 A DG 5  1_555 B DC 8  1_555 -0.453 -0.153 0.182  -0.672 -9.873  -0.803 5  A_DG5:DC20_B  A 5  ? B 20 ? 19 1 
1 A DC 6  1_555 B DG 7  1_555 0.353  -0.134 0.262  -6.558 -10.387 -1.454 6  A_DC6:DG19_B  A 6  ? B 19 ? 19 1 
1 A DG 7  1_555 B DC 6  1_555 -0.721 -0.223 0.171  -2.049 -2.524  -2.306 7  A_DG7:DC18_B  A 7  ? B 18 ? 19 1 
1 A DA 8  1_555 B DT 5  1_555 0.423  0.012  0.335  6.998  -6.193  -0.001 8  A_DA8:DT17_B  A 8  ? B 17 ? 20 1 
1 A DG 9  1_555 B DC 4  1_555 -0.475 -0.149 0.194  2.765  -10.872 -0.678 9  A_DG9:DC16_B  A 9  ? B 16 ? 19 1 
1 A DT 10 1_555 B DA 3  1_555 -0.160 -0.020 -0.125 -2.500 -12.155 -0.050 10 A_DT10:DA15_B A 10 ? B 15 ? 20 1 
1 A DC 11 1_555 B DG 2  1_555 0.420  -0.138 -0.096 -1.609 -9.278  -0.788 11 A_DC11:DG14_B A 11 ? B 14 ? 19 1 
1 A DC 12 1_555 B DG 1  1_555 0.489  -0.131 0.048  -0.802 -2.587  -1.217 12 A_DC12:DG13_B A 12 ? B 13 ? 19 1 
# 
loop_
_ndb_struct_na_base_pair_step.model_number 
_ndb_struct_na_base_pair_step.i_label_asym_id_1 
_ndb_struct_na_base_pair_step.i_label_comp_id_1 
_ndb_struct_na_base_pair_step.i_label_seq_id_1 
_ndb_struct_na_base_pair_step.i_symmetry_1 
_ndb_struct_na_base_pair_step.j_label_asym_id_1 
_ndb_struct_na_base_pair_step.j_label_comp_id_1 
_ndb_struct_na_base_pair_step.j_label_seq_id_1 
_ndb_struct_na_base_pair_step.j_symmetry_1 
_ndb_struct_na_base_pair_step.i_label_asym_id_2 
_ndb_struct_na_base_pair_step.i_label_comp_id_2 
_ndb_struct_na_base_pair_step.i_label_seq_id_2 
_ndb_struct_na_base_pair_step.i_symmetry_2 
_ndb_struct_na_base_pair_step.j_label_asym_id_2 
_ndb_struct_na_base_pair_step.j_label_comp_id_2 
_ndb_struct_na_base_pair_step.j_label_seq_id_2 
_ndb_struct_na_base_pair_step.j_symmetry_2 
_ndb_struct_na_base_pair_step.shift 
_ndb_struct_na_base_pair_step.slide 
_ndb_struct_na_base_pair_step.rise 
_ndb_struct_na_base_pair_step.tilt 
_ndb_struct_na_base_pair_step.roll 
_ndb_struct_na_base_pair_step.twist 
_ndb_struct_na_base_pair_step.x_displacement 
_ndb_struct_na_base_pair_step.y_displacement 
_ndb_struct_na_base_pair_step.helical_rise 
_ndb_struct_na_base_pair_step.inclination 
_ndb_struct_na_base_pair_step.tip 
_ndb_struct_na_base_pair_step.helical_twist 
_ndb_struct_na_base_pair_step.step_number 
_ndb_struct_na_base_pair_step.step_name 
_ndb_struct_na_base_pair_step.i_auth_asym_id_1 
_ndb_struct_na_base_pair_step.i_auth_seq_id_1 
_ndb_struct_na_base_pair_step.i_PDB_ins_code_1 
_ndb_struct_na_base_pair_step.j_auth_asym_id_1 
_ndb_struct_na_base_pair_step.j_auth_seq_id_1 
_ndb_struct_na_base_pair_step.j_PDB_ins_code_1 
_ndb_struct_na_base_pair_step.i_auth_asym_id_2 
_ndb_struct_na_base_pair_step.i_auth_seq_id_2 
_ndb_struct_na_base_pair_step.i_PDB_ins_code_2 
_ndb_struct_na_base_pair_step.j_auth_asym_id_2 
_ndb_struct_na_base_pair_step.j_auth_seq_id_2 
_ndb_struct_na_base_pair_step.j_PDB_ins_code_2 
1 A DG 1  1_555 B DC 12 1_555 A DC 2  1_555 B DG 11 1_555 -0.348 -0.583 3.362 -1.369 0.511  37.281 -0.980 0.357  3.364 0.799  
2.140  37.308 1  AA_DG1DC2:DG23DC24_BB   A 1  ? B 24 ? A 2  ? B 23 ? 
1 A DC 2  1_555 B DG 11 1_555 A DT 3  1_555 B DA 10 1_555 -0.101 -0.769 3.162 1.203  1.019  30.547 -1.652 0.421  3.129 1.932  
-2.281 30.587 2  AA_DC2DT3:DA22DG23_BB   A 2  ? B 23 ? A 3  ? B 22 ? 
1 A DT 3  1_555 B DA 10 1_555 A DA 4  1_555 B DT 9  1_555 0.145  -0.772 3.371 -1.286 7.823  34.740 -2.406 -0.425 3.122 12.895 
2.120  35.606 3  AA_DT3DA4:DT21DA22_BB   A 3  ? B 22 ? A 4  ? B 21 ? 
1 A DA 4  1_555 B DT 9  1_555 A DG 5  1_555 B DC 8  1_555 -0.257 -1.093 3.277 -2.034 1.257  32.337 -2.178 0.103  3.243 2.253  
3.647  32.423 4  AA_DA4DG5:DC20DT21_BB   A 4  ? B 21 ? A 5  ? B 20 ? 
1 A DG 5  1_555 B DC 8  1_555 A DC 6  1_555 B DG 7  1_555 0.298  -0.787 3.427 1.635  1.205  40.389 -1.280 -0.239 3.413 1.745  
-2.367 40.437 5  AA_DG5DC6:DG19DC20_BB   A 5  ? B 20 ? A 6  ? B 19 ? 
1 A DC 6  1_555 B DG 7  1_555 A DG 7  1_555 B DC 6  1_555 -0.457 -0.607 3.052 0.477  6.345  28.301 -2.490 1.008  2.844 12.773 
-0.960 28.993 6  AA_DC6DG7:DC18DG19_BB   A 6  ? B 19 ? A 7  ? B 18 ? 
1 A DG 7  1_555 B DC 6  1_555 A DA 8  1_555 B DT 5  1_555 0.861  0.283  3.168 -0.592 3.734  36.581 -0.045 -1.442 3.167 5.929  
0.939  36.770 7  AA_DG7DA8:DT17DC18_BB   A 7  ? B 18 ? A 8  ? B 17 ? 
1 A DA 8  1_555 B DT 5  1_555 A DG 9  1_555 B DC 4  1_555 0.224  -1.291 3.366 -1.167 -0.177 31.513 -2.341 -0.636 3.362 -0.325 
2.147  31.535 8  AA_DA8DG9:DC16DT17_BB   A 8  ? B 17 ? A 9  ? B 16 ? 
1 A DG 9  1_555 B DC 4  1_555 A DT 10 1_555 B DA 3  1_555 -0.398 -1.146 3.445 2.633  -0.912 36.972 -1.674 0.997  3.436 -1.436 
-4.144 37.073 9  AA_DG9DT10:DA15DC16_BB  A 9  ? B 16 ? A 10 ? B 15 ? 
1 A DT 10 1_555 B DA 3  1_555 A DC 11 1_555 B DG 2  1_555 0.102  -0.489 3.288 -1.146 0.943  36.637 -0.908 -0.319 3.271 1.499  
1.821  36.666 10 AA_DT10DC11:DG14DA15_BB A 10 ? B 15 ? A 11 ? B 14 ? 
1 A DC 11 1_555 B DG 2  1_555 A DC 12 1_555 B DG 1  1_555 0.118  -0.786 3.349 -1.127 4.261  32.949 -2.093 -0.397 3.219 7.471  
1.977  33.235 11 AA_DC11DC12:DG13DG14_BB A 11 ? B 14 ? A 12 ? B 13 ? 
# 
_pdbx_nmr_spectrometer.field_strength    800 
_pdbx_nmr_spectrometer.manufacturer      Bruker 
_pdbx_nmr_spectrometer.model             AVANCE 
_pdbx_nmr_spectrometer.spectrometer_id   1 
_pdbx_nmr_spectrometer.type              'Bruker Avance' 
# 
_atom_sites.entry_id                    2K8U 
_atom_sites.fract_transf_matrix[1][1]   1.000000 
_atom_sites.fract_transf_matrix[1][2]   0.000000 
_atom_sites.fract_transf_matrix[1][3]   0.000000 
_atom_sites.fract_transf_matrix[2][1]   0.000000 
_atom_sites.fract_transf_matrix[2][2]   1.000000 
_atom_sites.fract_transf_matrix[2][3]   0.000000 
_atom_sites.fract_transf_matrix[3][1]   0.000000 
_atom_sites.fract_transf_matrix[3][2]   0.000000 
_atom_sites.fract_transf_matrix[3][3]   1.000000 
_atom_sites.fract_transf_vector[1]      0.00000 
_atom_sites.fract_transf_vector[2]      0.00000 
_atom_sites.fract_transf_vector[3]      0.00000 
# 
loop_
_atom_type.symbol 
C 
H 
N 
O 
P 
# 
loop_
_atom_site.group_PDB 
_atom_site.id 
_atom_site.type_symbol 
_atom_site.label_atom_id 
_atom_site.label_alt_id 
_atom_site.label_comp_id 
_atom_site.label_asym_id 
_atom_site.label_entity_id 
_atom_site.label_seq_id 
_atom_site.pdbx_PDB_ins_code 
_atom_site.Cartn_x 
_atom_site.Cartn_y 
_atom_site.Cartn_z 
_atom_site.occupancy 
_atom_site.B_iso_or_equiv 
_atom_site.pdbx_formal_charge 
_atom_site.auth_seq_id 
_atom_site.auth_comp_id 
_atom_site.auth_asym_id 
_atom_site.auth_atom_id 
_atom_site.pdbx_PDB_model_num 
ATOM   1   O "O5'"  . DG  A 1 1  ? 7.653   -17.608 -3.382  1.00 0.00 ? 1   DG  A "O5'"  1 
ATOM   2   C "C5'"  . DG  A 1 1  ? 6.907   -18.822 -3.486  1.00 0.00 ? 1   DG  A "C5'"  1 
ATOM   3   C "C4'"  . DG  A 1 1  ? 5.529   -18.780 -2.792  1.00 0.00 ? 1   DG  A "C4'"  1 
ATOM   4   O "O4'"  . DG  A 1 1  ? 5.692   -18.696 -1.377  1.00 0.00 ? 1   DG  A "O4'"  1 
ATOM   5   C "C3'"  . DG  A 1 1  ? 4.643   -17.605 -3.240  1.00 0.00 ? 1   DG  A "C3'"  1 
ATOM   6   O "O3'"  . DG  A 1 1  ? 3.287   -18.037 -3.345  1.00 0.00 ? 1   DG  A "O3'"  1 
ATOM   7   C "C2'"  . DG  A 1 1  ? 4.872   -16.598 -2.116  1.00 0.00 ? 1   DG  A "C2'"  1 
ATOM   8   C "C1'"  . DG  A 1 1  ? 5.094   -17.497 -0.900  1.00 0.00 ? 1   DG  A "C1'"  1 
ATOM   9   N N9     . DG  A 1 1  ? 5.975   -16.876 0.119   1.00 0.00 ? 1   DG  A N9     1 
ATOM   10  C C8     . DG  A 1 1  ? 7.229   -16.338 -0.049  1.00 0.00 ? 1   DG  A C8     1 
ATOM   11  N N7     . DG  A 1 1  ? 7.775   -15.885 1.051   1.00 0.00 ? 1   DG  A N7     1 
ATOM   12  C C5     . DG  A 1 1  ? 6.800   -16.140 2.028   1.00 0.00 ? 1   DG  A C5     1 
ATOM   13  C C6     . DG  A 1 1  ? 6.786   -15.901 3.451   1.00 0.00 ? 1   DG  A C6     1 
ATOM   14  O O6     . DG  A 1 1  ? 7.663   -15.417 4.169   1.00 0.00 ? 1   DG  A O6     1 
ATOM   15  N N1     . DG  A 1 1  ? 5.616   -16.299 4.064   1.00 0.00 ? 1   DG  A N1     1 
ATOM   16  C C2     . DG  A 1 1  ? 4.581   -16.880 3.410   1.00 0.00 ? 1   DG  A C2     1 
ATOM   17  N N2     . DG  A 1 1  ? 3.543   -17.226 4.121   1.00 0.00 ? 1   DG  A N2     1 
ATOM   18  N N3     . DG  A 1 1  ? 4.552   -17.139 2.105   1.00 0.00 ? 1   DG  A N3     1 
ATOM   19  C C4     . DG  A 1 1  ? 5.694   -16.742 1.462   1.00 0.00 ? 1   DG  A C4     1 
ATOM   20  H "H5'"  . DG  A 1 1  ? 7.483   -19.642 -3.051  1.00 0.00 ? 1   DG  A "H5'"  1 
ATOM   21  H "H5''" . DG  A 1 1  ? 6.747   -19.053 -4.542  1.00 0.00 ? 1   DG  A "H5''" 1 
ATOM   22  H "H4'"  . DG  A 1 1  ? 5.014   -19.712 -3.029  1.00 0.00 ? 1   DG  A "H4'"  1 
ATOM   23  H "H3'"  . DG  A 1 1  ? 4.988   -17.203 -4.195  1.00 0.00 ? 1   DG  A "H3'"  1 
ATOM   24  H "H2'"  . DG  A 1 1  ? 5.760   -16.009 -2.340  1.00 0.00 ? 1   DG  A "H2'"  1 
ATOM   25  H "H2''" . DG  A 1 1  ? 4.023   -15.936 -1.976  1.00 0.00 ? 1   DG  A "H2''" 1 
ATOM   26  H "H1'"  . DG  A 1 1  ? 4.123   -17.730 -0.453  1.00 0.00 ? 1   DG  A "H1'"  1 
ATOM   27  H H8     . DG  A 1 1  ? 7.721   -16.314 -1.015  1.00 0.00 ? 1   DG  A H8     1 
ATOM   28  H H1     . DG  A 1 1  ? 5.545   -16.152 5.060   1.00 0.00 ? 1   DG  A H1     1 
ATOM   29  H H21    . DG  A 1 1  ? 2.767   -17.657 3.649   1.00 0.00 ? 1   DG  A H21    1 
ATOM   30  H H22    . DG  A 1 1  ? 3.520   -17.031 5.120   1.00 0.00 ? 1   DG  A H22    1 
ATOM   31  H "HO5'" . DG  A 1 1  ? 8.515   -17.711 -3.838  1.00 0.00 ? 1   DG  A "HO5'" 1 
ATOM   32  P P      . DC  A 1 2  ? 2.090   -17.076 -3.852  1.00 0.00 ? 2   DC  A P      1 
ATOM   33  O OP1    . DC  A 1 2  ? 1.121   -17.917 -4.600  1.00 0.00 ? 2   DC  A OP1    1 
ATOM   34  O OP2    . DC  A 1 2  ? 2.672   -15.889 -4.526  1.00 0.00 ? 2   DC  A OP2    1 
ATOM   35  O "O5'"  . DC  A 1 2  ? 1.395   -16.586 -2.481  1.00 0.00 ? 2   DC  A "O5'"  1 
ATOM   36  C "C5'"  . DC  A 1 2  ? 0.642   -17.493 -1.679  1.00 0.00 ? 2   DC  A "C5'"  1 
ATOM   37  C "C4'"  . DC  A 1 2  ? 0.123   -16.864 -0.378  1.00 0.00 ? 2   DC  A "C4'"  1 
ATOM   38  O "O4'"  . DC  A 1 2  ? 1.216   -16.515 0.464   1.00 0.00 ? 2   DC  A "O4'"  1 
ATOM   39  C "C3'"  . DC  A 1 2  ? -0.758  -15.621 -0.598  1.00 0.00 ? 2   DC  A "C3'"  1 
ATOM   40  O "O3'"  . DC  A 1 2  ? -2.052  -15.843 -0.040  1.00 0.00 ? 2   DC  A "O3'"  1 
ATOM   41  C "C2'"  . DC  A 1 2  ? 0.028   -14.518 0.112   1.00 0.00 ? 2   DC  A "C2'"  1 
ATOM   42  C "C1'"  . DC  A 1 2  ? 0.946   -15.270 1.079   1.00 0.00 ? 2   DC  A "C1'"  1 
ATOM   43  N N1     . DC  A 1 2  ? 2.235   -14.560 1.312   1.00 0.00 ? 2   DC  A N1     1 
ATOM   44  C C2     . DC  A 1 2  ? 2.586   -14.153 2.606   1.00 0.00 ? 2   DC  A C2     1 
ATOM   45  O O2     . DC  A 1 2  ? 1.835   -14.300 3.571   1.00 0.00 ? 2   DC  A O2     1 
ATOM   46  N N3     . DC  A 1 2  ? 3.783   -13.562 2.844   1.00 0.00 ? 2   DC  A N3     1 
ATOM   47  C C4     . DC  A 1 2  ? 4.596   -13.357 1.830   1.00 0.00 ? 2   DC  A C4     1 
ATOM   48  N N4     . DC  A 1 2  ? 5.746   -12.825 2.122   1.00 0.00 ? 2   DC  A N4     1 
ATOM   49  C C5     . DC  A 1 2  ? 4.292   -13.721 0.491   1.00 0.00 ? 2   DC  A C5     1 
ATOM   50  C C6     . DC  A 1 2  ? 3.098   -14.324 0.270   1.00 0.00 ? 2   DC  A C6     1 
ATOM   51  H "H5'"  . DC  A 1 2  ? 1.263   -18.353 -1.421  1.00 0.00 ? 2   DC  A "H5'"  1 
ATOM   52  H "H5''" . DC  A 1 2  ? -0.215  -17.854 -2.249  1.00 0.00 ? 2   DC  A "H5''" 1 
ATOM   53  H "H4'"  . DC  A 1 2  ? -0.478  -17.615 0.140   1.00 0.00 ? 2   DC  A "H4'"  1 
ATOM   54  H "H3'"  . DC  A 1 2  ? -0.839  -15.394 -1.664  1.00 0.00 ? 2   DC  A "H3'"  1 
ATOM   55  H "H2'"  . DC  A 1 2  ? 0.605   -13.970 -0.633  1.00 0.00 ? 2   DC  A "H2'"  1 
ATOM   56  H "H2''" . DC  A 1 2  ? -0.615  -13.830 0.653   1.00 0.00 ? 2   DC  A "H2''" 1 
ATOM   57  H "H1'"  . DC  A 1 2  ? 0.410   -15.432 2.022   1.00 0.00 ? 2   DC  A "H1'"  1 
ATOM   58  H H41    . DC  A 1 2  ? 6.418   -12.653 1.396   1.00 0.00 ? 2   DC  A H41    1 
ATOM   59  H H42    . DC  A 1 2  ? 5.930   -12.607 3.097   1.00 0.00 ? 2   DC  A H42    1 
ATOM   60  H H5     . DC  A 1 2  ? 4.972   -13.545 -0.329  1.00 0.00 ? 2   DC  A H5     1 
ATOM   61  H H6     . DC  A 1 2  ? 2.806   -14.637 -0.728  1.00 0.00 ? 2   DC  A H6     1 
ATOM   62  P P      . DT  A 1 3  ? -3.261  -14.776 -0.171  1.00 0.00 ? 3   DT  A P      1 
ATOM   63  O OP1    . DT  A 1 3  ? -4.538  -15.531 -0.125  1.00 0.00 ? 3   DT  A OP1    1 
ATOM   64  O OP2    . DT  A 1 3  ? -3.001  -13.881 -1.327  1.00 0.00 ? 3   DT  A OP2    1 
ATOM   65  O "O5'"  . DT  A 1 3  ? -3.133  -13.908 1.181   1.00 0.00 ? 3   DT  A "O5'"  1 
ATOM   66  C "C5'"  . DT  A 1 3  ? -3.315  -14.520 2.454   1.00 0.00 ? 3   DT  A "C5'"  1 
ATOM   67  C "C4'"  . DT  A 1 3  ? -2.989  -13.582 3.625   1.00 0.00 ? 3   DT  A "C4'"  1 
ATOM   68  O "O4'"  . DT  A 1 3  ? -1.604  -13.252 3.616   1.00 0.00 ? 3   DT  A "O4'"  1 
ATOM   69  C "C3'"  . DT  A 1 3  ? -3.802  -12.275 3.624   1.00 0.00 ? 3   DT  A "C3'"  1 
ATOM   70  O "O3'"  . DT  A 1 3  ? -4.441  -12.123 4.889   1.00 0.00 ? 3   DT  A "O3'"  1 
ATOM   71  C "C2'"  . DT  A 1 3  ? -2.726  -11.221 3.365   1.00 0.00 ? 3   DT  A "C2'"  1 
ATOM   72  C "C1'"  . DT  A 1 3  ? -1.474  -11.881 3.943   1.00 0.00 ? 3   DT  A "C1'"  1 
ATOM   73  N N1     . DT  A 1 3  ? -0.195  -11.359 3.383   1.00 0.00 ? 3   DT  A N1     1 
ATOM   74  C C2     . DT  A 1 3  ? 0.784   -10.895 4.274   1.00 0.00 ? 3   DT  A C2     1 
ATOM   75  O O2     . DT  A 1 3  ? 0.619   -10.794 5.489   1.00 0.00 ? 3   DT  A O2     1 
ATOM   76  N N3     . DT  A 1 3  ? 1.989   -10.520 3.730   1.00 0.00 ? 3   DT  A N3     1 
ATOM   77  C C4     . DT  A 1 3  ? 2.303   -10.517 2.392   1.00 0.00 ? 3   DT  A C4     1 
ATOM   78  O O4     . DT  A 1 3  ? 3.426   -10.153 2.051   1.00 0.00 ? 3   DT  A O4     1 
ATOM   79  C C5     . DT  A 1 3  ? 1.228   -10.962 1.507   1.00 0.00 ? 3   DT  A C5     1 
ATOM   80  C C7     . DT  A 1 3  ? 1.437   -10.979 0.002   1.00 0.00 ? 3   DT  A C7     1 
ATOM   81  C C6     . DT  A 1 3  ? 0.036   -11.365 2.020   1.00 0.00 ? 3   DT  A C6     1 
ATOM   82  H "H5'"  . DT  A 1 3  ? -2.669  -15.396 2.531   1.00 0.00 ? 3   DT  A "H5'"  1 
ATOM   83  H "H5''" . DT  A 1 3  ? -4.349  -14.852 2.550   1.00 0.00 ? 3   DT  A "H5''" 1 
ATOM   84  H "H4'"  . DT  A 1 3  ? -3.208  -14.119 4.550   1.00 0.00 ? 3   DT  A "H4'"  1 
ATOM   85  H "H3'"  . DT  A 1 3  ? -4.540  -12.277 2.818   1.00 0.00 ? 3   DT  A "H3'"  1 
ATOM   86  H "H2'"  . DT  A 1 3  ? -2.636  -11.071 2.290   1.00 0.00 ? 3   DT  A "H2'"  1 
ATOM   87  H "H2''" . DT  A 1 3  ? -2.941  -10.275 3.854   1.00 0.00 ? 3   DT  A "H2''" 1 
ATOM   88  H "H1'"  . DT  A 1 3  ? -1.494  -11.765 5.031   1.00 0.00 ? 3   DT  A "H1'"  1 
ATOM   89  H H3     . DT  A 1 3  ? 2.695   -10.186 4.371   1.00 0.00 ? 3   DT  A H3     1 
ATOM   90  H H71    . DT  A 1 3  ? 2.286   -11.618 -0.241  1.00 0.00 ? 3   DT  A H71    1 
ATOM   91  H H72    . DT  A 1 3  ? 0.549   -11.343 -0.517  1.00 0.00 ? 3   DT  A H72    1 
ATOM   92  H H73    . DT  A 1 3  ? 1.663   -9.968  -0.340  1.00 0.00 ? 3   DT  A H73    1 
ATOM   93  H H6     . DT  A 1 3  ? -0.745  -11.708 1.356   1.00 0.00 ? 3   DT  A H6     1 
ATOM   94  P P      . DA  A 1 4  ? -5.465  -10.918 5.216   1.00 0.00 ? 4   DA  A P      1 
ATOM   95  O OP1    . DA  A 1 4  ? -6.436  -11.409 6.226   1.00 0.00 ? 4   DA  A OP1    1 
ATOM   96  O OP2    . DA  A 1 4  ? -5.981  -10.357 3.942   1.00 0.00 ? 4   DA  A OP2    1 
ATOM   97  O "O5'"  . DA  A 1 4  ? -4.521  -9.810  5.907   1.00 0.00 ? 4   DA  A "O5'"  1 
ATOM   98  C "C5'"  . DA  A 1 4  ? -3.949  -10.037 7.192   1.00 0.00 ? 4   DA  A "C5'"  1 
ATOM   99  C "C4'"  . DA  A 1 4  ? -3.042  -8.888  7.657   1.00 0.00 ? 4   DA  A "C4'"  1 
ATOM   100 O "O4'"  . DA  A 1 4  ? -1.846  -8.866  6.885   1.00 0.00 ? 4   DA  A "O4'"  1 
ATOM   101 C "C3'"  . DA  A 1 4  ? -3.700  -7.498  7.569   1.00 0.00 ? 4   DA  A "C3'"  1 
ATOM   102 O "O3'"  . DA  A 1 4  ? -3.558  -6.843  8.827   1.00 0.00 ? 4   DA  A "O3'"  1 
ATOM   103 C "C2'"  . DA  A 1 4  ? -2.903  -6.840  6.440   1.00 0.00 ? 4   DA  A "C2'"  1 
ATOM   104 C "C1'"  . DA  A 1 4  ? -1.544  -7.518  6.578   1.00 0.00 ? 4   DA  A "C1'"  1 
ATOM   105 N N9     . DA  A 1 4  ? -0.733  -7.463  5.339   1.00 0.00 ? 4   DA  A N9     1 
ATOM   106 C C8     . DA  A 1 4  ? -1.084  -7.843  4.065   1.00 0.00 ? 4   DA  A C8     1 
ATOM   107 N N7     . DA  A 1 4  ? -0.124  -7.734  3.181   1.00 0.00 ? 4   DA  A N7     1 
ATOM   108 C C5     . DA  A 1 4  ? 0.933   -7.201  3.939   1.00 0.00 ? 4   DA  A C5     1 
ATOM   109 C C6     . DA  A 1 4  ? 2.267   -6.814  3.663   1.00 0.00 ? 4   DA  A C6     1 
ATOM   110 N N6     . DA  A 1 4  ? 2.857   -6.925  2.487   1.00 0.00 ? 4   DA  A N6     1 
ATOM   111 N N1     . DA  A 1 4  ? 3.047   -6.300  4.615   1.00 0.00 ? 4   DA  A N1     1 
ATOM   112 C C2     . DA  A 1 4  ? 2.549   -6.181  5.839   1.00 0.00 ? 4   DA  A C2     1 
ATOM   113 N N3     . DA  A 1 4  ? 1.336   -6.522  6.259   1.00 0.00 ? 4   DA  A N3     1 
ATOM   114 C C4     . DA  A 1 4  ? 0.568   -7.025  5.249   1.00 0.00 ? 4   DA  A C4     1 
ATOM   115 H "H5'"  . DA  A 1 4  ? -3.362  -10.957 7.175   1.00 0.00 ? 4   DA  A "H5'"  1 
ATOM   116 H "H5''" . DA  A 1 4  ? -4.748  -10.158 7.925   1.00 0.00 ? 4   DA  A "H5''" 1 
ATOM   117 H "H4'"  . DA  A 1 4  ? -2.775  -9.076  8.699   1.00 0.00 ? 4   DA  A "H4'"  1 
ATOM   118 H "H3'"  . DA  A 1 4  ? -4.756  -7.579  7.299   1.00 0.00 ? 4   DA  A "H3'"  1 
ATOM   119 H "H2'"  . DA  A 1 4  ? -3.366  -7.095  5.487   1.00 0.00 ? 4   DA  A "H2'"  1 
ATOM   120 H "H2''" . DA  A 1 4  ? -2.831  -5.758  6.546   1.00 0.00 ? 4   DA  A "H2''" 1 
ATOM   121 H "H1'"  . DA  A 1 4  ? -0.995  -7.057  7.407   1.00 0.00 ? 4   DA  A "H1'"  1 
ATOM   122 H H8     . DA  A 1 4  ? -2.072  -8.219  3.826   1.00 0.00 ? 4   DA  A H8     1 
ATOM   123 H H61    . DA  A 1 4  ? 2.341   -7.309  1.715   1.00 0.00 ? 4   DA  A H61    1 
ATOM   124 H H62    . DA  A 1 4  ? 3.838   -6.686  2.396   1.00 0.00 ? 4   DA  A H62    1 
ATOM   125 H H2     . DA  A 1 4  ? 3.212   -5.764  6.586   1.00 0.00 ? 4   DA  A H2     1 
ATOM   126 P P      . DG  A 1 5  ? -4.155  -5.373  9.130   1.00 0.00 ? 5   DG  A P      1 
ATOM   127 O OP1    . DG  A 1 5  ? -4.628  -5.355  10.536  1.00 0.00 ? 5   DG  A OP1    1 
ATOM   128 O OP2    . DG  A 1 5  ? -5.099  -4.990  8.051   1.00 0.00 ? 5   DG  A OP2    1 
ATOM   129 O "O5'"  . DG  A 1 5  ? -2.847  -4.438  9.014   1.00 0.00 ? 5   DG  A "O5'"  1 
ATOM   130 C "C5'"  . DG  A 1 5  ? -1.786  -4.553  9.959   1.00 0.00 ? 5   DG  A "C5'"  1 
ATOM   131 C "C4'"  . DG  A 1 5  ? -0.648  -3.548  9.723   1.00 0.00 ? 5   DG  A "C4'"  1 
ATOM   132 O "O4'"  . DG  A 1 5  ? 0.082   -3.893  8.549   1.00 0.00 ? 5   DG  A "O4'"  1 
ATOM   133 C "C3'"  . DG  A 1 5  ? -1.133  -2.094  9.585   1.00 0.00 ? 5   DG  A "C3'"  1 
ATOM   134 O "O3'"  . DG  A 1 5  ? -0.339  -1.261  10.425  1.00 0.00 ? 5   DG  A "O3'"  1 
ATOM   135 C "C2'"  . DG  A 1 5  ? -0.929  -1.841  8.091   1.00 0.00 ? 5   DG  A "C2'"  1 
ATOM   136 C "C1'"  . DG  A 1 5  ? 0.285   -2.716  7.788   1.00 0.00 ? 5   DG  A "C1'"  1 
ATOM   137 N N9     . DG  A 1 5  ? 0.414   -3.056  6.352   1.00 0.00 ? 5   DG  A N9     1 
ATOM   138 C C8     . DG  A 1 5  ? -0.522  -3.617  5.515   1.00 0.00 ? 5   DG  A C8     1 
ATOM   139 N N7     . DG  A 1 5  ? -0.102  -3.823  4.294   1.00 0.00 ? 5   DG  A N7     1 
ATOM   140 C C5     . DG  A 1 5  ? 1.218   -3.346  4.320   1.00 0.00 ? 5   DG  A C5     1 
ATOM   141 C C6     . DG  A 1 5  ? 2.237   -3.288  3.301   1.00 0.00 ? 5   DG  A C6     1 
ATOM   142 O O6     . DG  A 1 5  ? 2.197   -3.681  2.135   1.00 0.00 ? 5   DG  A O6     1 
ATOM   143 N N1     . DG  A 1 5  ? 3.412   -2.705  3.729   1.00 0.00 ? 5   DG  A N1     1 
ATOM   144 C C2     . DG  A 1 5  ? 3.612   -2.246  4.987   1.00 0.00 ? 5   DG  A C2     1 
ATOM   145 N N2     . DG  A 1 5  ? 4.742   -1.639  5.230   1.00 0.00 ? 5   DG  A N2     1 
ATOM   146 N N3     . DG  A 1 5  ? 2.717   -2.306  5.969   1.00 0.00 ? 5   DG  A N3     1 
ATOM   147 C C4     . DG  A 1 5  ? 1.533   -2.865  5.574   1.00 0.00 ? 5   DG  A C4     1 
ATOM   148 H "H5'"  . DG  A 1 5  ? -1.372  -5.563  9.926   1.00 0.00 ? 5   DG  A "H5'"  1 
ATOM   149 H "H5''" . DG  A 1 5  ? -2.180  -4.384  10.963  1.00 0.00 ? 5   DG  A "H5''" 1 
ATOM   150 H "H4'"  . DG  A 1 5  ? 0.028   -3.607  10.579  1.00 0.00 ? 5   DG  A "H4'"  1 
ATOM   151 H "H3'"  . DG  A 1 5  ? -2.189  -2.004  9.850   1.00 0.00 ? 5   DG  A "H3'"  1 
ATOM   152 H "H2'"  . DG  A 1 5  ? -1.804  -2.199  7.547   1.00 0.00 ? 5   DG  A "H2'"  1 
ATOM   153 H "H2''" . DG  A 1 5  ? -0.744  -0.795  7.856   1.00 0.00 ? 5   DG  A "H2''" 1 
ATOM   154 H "H1'"  . DG  A 1 5  ? 1.188   -2.201  8.128   1.00 0.00 ? 5   DG  A "H1'"  1 
ATOM   155 H H8     . DG  A 1 5  ? -1.516  -3.879  5.857   1.00 0.00 ? 5   DG  A H8     1 
ATOM   156 H H1     . DG  A 1 5  ? 4.158   -2.620  3.054   1.00 0.00 ? 5   DG  A H1     1 
ATOM   157 H H21    . DG  A 1 5  ? 4.888   -1.279  6.154   1.00 0.00 ? 5   DG  A H21    1 
ATOM   158 H H22    . DG  A 1 5  ? 5.438   -1.538  4.494   1.00 0.00 ? 5   DG  A H22    1 
ATOM   159 P P      . DC  A 1 6  ? -0.560  0.334   10.554  1.00 0.00 ? 6   DC  A P      1 
ATOM   160 O OP1    . DC  A 1 6  ? -0.152  0.740   11.922  1.00 0.00 ? 6   DC  A OP1    1 
ATOM   161 O OP2    . DC  A 1 6  ? -1.923  0.680   10.082  1.00 0.00 ? 6   DC  A OP2    1 
ATOM   162 O "O5'"  . DC  A 1 6  ? 0.511   0.923   9.503   1.00 0.00 ? 6   DC  A "O5'"  1 
ATOM   163 C "C5'"  . DC  A 1 6  ? 1.907   0.730   9.706   1.00 0.00 ? 6   DC  A "C5'"  1 
ATOM   164 C "C4'"  . DC  A 1 6  ? 2.768   1.297   8.570   1.00 0.00 ? 6   DC  A "C4'"  1 
ATOM   165 O "O4'"  . DC  A 1 6  ? 2.531   0.589   7.362   1.00 0.00 ? 6   DC  A "O4'"  1 
ATOM   166 C "C3'"  . DC  A 1 6  ? 2.546   2.795   8.302   1.00 0.00 ? 6   DC  A "C3'"  1 
ATOM   167 O "O3'"  . DC  A 1 6  ? 3.762   3.492   8.550   1.00 0.00 ? 6   DC  A "O3'"  1 
ATOM   168 C "C2'"  . DC  A 1 6  ? 2.116   2.821   6.833   1.00 0.00 ? 6   DC  A "C2'"  1 
ATOM   169 C "C1'"  . DC  A 1 6  ? 2.650   1.498   6.285   1.00 0.00 ? 6   DC  A "C1'"  1 
ATOM   170 N N1     . DC  A 1 6  ? 1.872   0.984   5.123   1.00 0.00 ? 6   DC  A N1     1 
ATOM   171 C C2     . DC  A 1 6  ? 2.506   0.818   3.883   1.00 0.00 ? 6   DC  A C2     1 
ATOM   172 O O2     . DC  A 1 6  ? 3.667   1.175   3.681   1.00 0.00 ? 6   DC  A O2     1 
ATOM   173 N N3     . DC  A 1 6  ? 1.855   0.235   2.848   1.00 0.00 ? 6   DC  A N3     1 
ATOM   174 C C4     . DC  A 1 6  ? 0.600   -0.122  3.015   1.00 0.00 ? 6   DC  A C4     1 
ATOM   175 N N4     . DC  A 1 6  ? 0.040   -0.716  2.003   1.00 0.00 ? 6   DC  A N4     1 
ATOM   176 C C5     . DC  A 1 6  ? -0.111  0.045   4.235   1.00 0.00 ? 6   DC  A C5     1 
ATOM   177 C C6     . DC  A 1 6  ? 0.560   0.604   5.273   1.00 0.00 ? 6   DC  A C6     1 
ATOM   178 H "H5'"  . DC  A 1 6  ? 2.117   -0.339  9.794   1.00 0.00 ? 6   DC  A "H5'"  1 
ATOM   179 H "H5''" . DC  A 1 6  ? 2.208   1.211   10.638  1.00 0.00 ? 6   DC  A "H5''" 1 
ATOM   180 H "H4'"  . DC  A 1 6  ? 3.815   1.154   8.843   1.00 0.00 ? 6   DC  A "H4'"  1 
ATOM   181 H "H3'"  . DC  A 1 6  ? 1.745   3.183   8.936   1.00 0.00 ? 6   DC  A "H3'"  1 
ATOM   182 H "H2'"  . DC  A 1 6  ? 1.027   2.847   6.786   1.00 0.00 ? 6   DC  A "H2'"  1 
ATOM   183 H "H2''" . DC  A 1 6  ? 2.529   3.668   6.287   1.00 0.00 ? 6   DC  A "H2''" 1 
ATOM   184 H "H1'"  . DC  A 1 6  ? 3.706   1.622   6.022   1.00 0.00 ? 6   DC  A "H1'"  1 
ATOM   185 H H41    . DC  A 1 6  ? -0.901  -1.054  2.077   1.00 0.00 ? 6   DC  A H41    1 
ATOM   186 H H42    . DC  A 1 6  ? 0.617   -0.882  1.183   1.00 0.00 ? 6   DC  A H42    1 
ATOM   187 H H5     . DC  A 1 6  ? -1.137  -0.268  4.357   1.00 0.00 ? 6   DC  A H5     1 
ATOM   188 H H6     . DC  A 1 6  ? 0.080   0.736   6.238   1.00 0.00 ? 6   DC  A H6     1 
ATOM   189 P P      . DG  A 1 7  ? 3.871   5.101   8.515   1.00 0.00 ? 7   DG  A P      1 
ATOM   190 O OP1    . DG  A 1 7  ? 4.954   5.503   9.449   1.00 0.00 ? 7   DG  A OP1    1 
ATOM   191 O OP2    . DG  A 1 7  ? 2.519   5.687   8.697   1.00 0.00 ? 7   DG  A OP2    1 
ATOM   192 O "O5'"  . DG  A 1 7  ? 4.353   5.404   7.009   1.00 0.00 ? 7   DG  A "O5'"  1 
ATOM   193 C "C5'"  . DG  A 1 7  ? 5.652   5.020   6.565   1.00 0.00 ? 7   DG  A "C5'"  1 
ATOM   194 C "C4'"  . DG  A 1 7  ? 5.940   5.432   5.115   1.00 0.00 ? 7   DG  A "C4'"  1 
ATOM   195 O "O4'"  . DG  A 1 7  ? 5.216   4.612   4.206   1.00 0.00 ? 7   DG  A "O4'"  1 
ATOM   196 C "C3'"  . DG  A 1 7  ? 5.602   6.905   4.821   1.00 0.00 ? 7   DG  A "C3'"  1 
ATOM   197 O "O3'"  . DG  A 1 7  ? 6.763   7.544   4.298   1.00 0.00 ? 7   DG  A "O3'"  1 
ATOM   198 C "C2'"  . DG  A 1 7  ? 4.446   6.784   3.824   1.00 0.00 ? 7   DG  A "C2'"  1 
ATOM   199 C "C1'"  . DG  A 1 7  ? 4.704   5.427   3.166   1.00 0.00 ? 7   DG  A "C1'"  1 
ATOM   200 N N9     . DG  A 1 7  ? 3.487   4.775   2.626   1.00 0.00 ? 7   DG  A N9     1 
ATOM   201 C C8     . DG  A 1 7  ? 2.310   4.501   3.280   1.00 0.00 ? 7   DG  A C8     1 
ATOM   202 N N7     . DG  A 1 7  ? 1.473   3.762   2.601   1.00 0.00 ? 7   DG  A N7     1 
ATOM   203 C C5     . DG  A 1 7  ? 2.141   3.549   1.386   1.00 0.00 ? 7   DG  A C5     1 
ATOM   204 C C6     . DG  A 1 7  ? 1.772   2.798   0.216   1.00 0.00 ? 7   DG  A C6     1 
ATOM   205 O O6     . DG  A 1 7  ? 0.761   2.124   0.016   1.00 0.00 ? 7   DG  A O6     1 
ATOM   206 N N1     . DG  A 1 7  ? 2.700   2.867   -0.804  1.00 0.00 ? 7   DG  A N1     1 
ATOM   207 C C2     . DG  A 1 7  ? 3.871   3.558   -0.735  1.00 0.00 ? 7   DG  A C2     1 
ATOM   208 N N2     . DG  A 1 7  ? 4.639   3.480   -1.813  1.00 0.00 ? 7   DG  A N2     1 
ATOM   209 N N3     . DG  A 1 7  ? 4.261   4.241   0.353   1.00 0.00 ? 7   DG  A N3     1 
ATOM   210 C C4     . DG  A 1 7  ? 3.357   4.200   1.378   1.00 0.00 ? 7   DG  A C4     1 
ATOM   211 H "H5'"  . DG  A 1 7  ? 5.765   3.938   6.652   1.00 0.00 ? 7   DG  A "H5'"  1 
ATOM   212 H "H5''" . DG  A 1 7  ? 6.402   5.491   7.203   1.00 0.00 ? 7   DG  A "H5''" 1 
ATOM   213 H "H4'"  . DG  A 1 7  ? 7.005   5.281   4.932   1.00 0.00 ? 7   DG  A "H4'"  1 
ATOM   214 H "H3'"  . DG  A 1 7  ? 5.269   7.413   5.730   1.00 0.00 ? 7   DG  A "H3'"  1 
ATOM   215 H "H2'"  . DG  A 1 7  ? 3.507   6.767   4.376   1.00 0.00 ? 7   DG  A "H2'"  1 
ATOM   216 H "H2''" . DG  A 1 7  ? 4.436   7.588   3.092   1.00 0.00 ? 7   DG  A "H2''" 1 
ATOM   217 H "H1'"  . DG  A 1 7  ? 5.450   5.547   2.375   1.00 0.00 ? 7   DG  A "H1'"  1 
ATOM   218 H H8     . DG  A 1 7  ? 2.117   4.846   4.289   1.00 0.00 ? 7   DG  A H8     1 
ATOM   219 H H1     . DG  A 1 7  ? 2.488   2.345   -1.643  1.00 0.00 ? 7   DG  A H1     1 
ATOM   220 H H22    . DG  A 1 7  ? 4.295   2.919   -2.586  1.00 0.00 ? 7   DG  A H22    1 
ATOM   221 P P      . DA  A 1 8  ? 6.856   9.139   4.068   1.00 0.00 ? 8   DA  A P      1 
ATOM   222 O OP1    . DA  A 1 8  ? 8.291   9.519   4.090   1.00 0.00 ? 8   DA  A OP1    1 
ATOM   223 O OP2    . DA  A 1 8  ? 5.918   9.823   4.992   1.00 0.00 ? 8   DA  A OP2    1 
ATOM   224 O "O5'"  . DA  A 1 8  ? 6.306   9.311   2.567   1.00 0.00 ? 8   DA  A "O5'"  1 
ATOM   225 C "C5'"  . DA  A 1 8  ? 7.024   8.765   1.467   1.00 0.00 ? 8   DA  A "C5'"  1 
ATOM   226 C "C4'"  . DA  A 1 8  ? 6.180   8.729   0.189   1.00 0.00 ? 8   DA  A "C4'"  1 
ATOM   227 O "O4'"  . DA  A 1 8  ? 5.097   7.817   0.337   1.00 0.00 ? 8   DA  A "O4'"  1 
ATOM   228 C "C3'"  . DA  A 1 8  ? 5.616   10.099  -0.230  1.00 0.00 ? 8   DA  A "C3'"  1 
ATOM   229 O "O3'"  . DA  A 1 8  ? 6.173   10.432  -1.498  1.00 0.00 ? 8   DA  A "O3'"  1 
ATOM   230 C "C2'"  . DA  A 1 8  ? 4.105   9.841   -0.231  1.00 0.00 ? 8   DA  A "C2'"  1 
ATOM   231 C "C1'"  . DA  A 1 8  ? 4.007   8.327   -0.400  1.00 0.00 ? 8   DA  A "C1'"  1 
ATOM   232 N N9     . DA  A 1 8  ? 2.738   7.752   0.110   1.00 0.00 ? 8   DA  A N9     1 
ATOM   233 C C8     . DA  A 1 8  ? 2.092   7.977   1.305   1.00 0.00 ? 8   DA  A C8     1 
ATOM   234 N N7     . DA  A 1 8  ? 0.980   7.299   1.457   1.00 0.00 ? 8   DA  A N7     1 
ATOM   235 C C5     . DA  A 1 8  ? 0.881   6.587   0.248   1.00 0.00 ? 8   DA  A C5     1 
ATOM   236 C C6     . DA  A 1 8  ? -0.038  5.665   -0.315  1.00 0.00 ? 8   DA  A C6     1 
ATOM   237 N N6     . DA  A 1 8  ? -1.127  5.208   0.273   1.00 0.00 ? 8   DA  A N6     1 
ATOM   238 N N1     . DA  A 1 8  ? 0.151   5.151   -1.532  1.00 0.00 ? 8   DA  A N1     1 
ATOM   239 C C2     . DA  A 1 8  ? 1.231   5.517   -2.204  1.00 0.00 ? 8   DA  A C2     1 
ATOM   240 N N3     . DA  A 1 8  ? 2.175   6.356   -1.811  1.00 0.00 ? 8   DA  A N3     1 
ATOM   241 C C4     . DA  A 1 8  ? 1.945   6.861   -0.569  1.00 0.00 ? 8   DA  A C4     1 
ATOM   242 H "H5'"  . DA  A 1 8  ? 7.331   7.744   1.697   1.00 0.00 ? 8   DA  A "H5'"  1 
ATOM   243 H "H5''" . DA  A 1 8  ? 7.920   9.361   1.285   1.00 0.00 ? 8   DA  A "H5''" 1 
ATOM   244 H "H4'"  . DA  A 1 8  ? 6.818   8.364   -0.618  1.00 0.00 ? 8   DA  A "H4'"  1 
ATOM   245 H "H3'"  . DA  A 1 8  ? 5.863   10.870  0.504   1.00 0.00 ? 8   DA  A "H3'"  1 
ATOM   246 H "H2'"  . DA  A 1 8  ? 3.703   10.144  0.735   1.00 0.00 ? 8   DA  A "H2'"  1 
ATOM   247 H "H2''" . DA  A 1 8  ? 3.583   10.364  -1.030  1.00 0.00 ? 8   DA  A "H2''" 1 
ATOM   248 H "H1'"  . DA  A 1 8  ? 4.126   8.077   -1.460  1.00 0.00 ? 8   DA  A "H1'"  1 
ATOM   249 H H8     . DA  A 1 8  ? 2.485   8.649   2.060   1.00 0.00 ? 8   DA  A H8     1 
ATOM   250 H H61    . DA  A 1 8  ? -1.352  5.511   1.208   1.00 0.00 ? 8   DA  A H61    1 
ATOM   251 H H62    . DA  A 1 8  ? -1.678  4.511   -0.217  1.00 0.00 ? 8   DA  A H62    1 
ATOM   252 H H2     . DA  A 1 8  ? 1.358   5.082   -3.187  1.00 0.00 ? 8   DA  A H2     1 
ATOM   253 P P      . DG  A 1 9  ? 5.752   11.728  -2.364  1.00 0.00 ? 9   DG  A P      1 
ATOM   254 O OP1    . DG  A 1 9  ? 6.965   12.237  -3.051  1.00 0.00 ? 9   DG  A OP1    1 
ATOM   255 O OP2    . DG  A 1 9  ? 4.955   12.659  -1.526  1.00 0.00 ? 9   DG  A OP2    1 
ATOM   256 O "O5'"  . DG  A 1 9  ? 4.783   11.056  -3.463  1.00 0.00 ? 9   DG  A "O5'"  1 
ATOM   257 C "C5'"  . DG  A 1 9  ? 5.298   10.078  -4.361  1.00 0.00 ? 9   DG  A "C5'"  1 
ATOM   258 C "C4'"  . DG  A 1 9  ? 4.221   9.379   -5.196  1.00 0.00 ? 9   DG  A "C4'"  1 
ATOM   259 O "O4'"  . DG  A 1 9  ? 3.302   8.690   -4.352  1.00 0.00 ? 9   DG  A "O4'"  1 
ATOM   260 C "C3'"  . DG  A 1 9  ? 3.427   10.323  -6.113  1.00 0.00 ? 9   DG  A "C3'"  1 
ATOM   261 O "O3'"  . DG  A 1 9  ? 3.476   9.817   -7.444  1.00 0.00 ? 9   DG  A "O3'"  1 
ATOM   262 C "C2'"  . DG  A 1 9  ? 2.031   10.263  -5.498  1.00 0.00 ? 9   DG  A "C2'"  1 
ATOM   263 C "C1'"  . DG  A 1 9  ? 2.005   8.865   -4.891  1.00 0.00 ? 9   DG  A "C1'"  1 
ATOM   264 N N9     . DG  A 1 9  ? 0.974   8.748   -3.836  1.00 0.00 ? 9   DG  A N9     1 
ATOM   265 C C8     . DG  A 1 9  ? 0.911   9.398   -2.628  1.00 0.00 ? 9   DG  A C8     1 
ATOM   266 N N7     . DG  A 1 9  ? -0.145  9.111   -1.912  1.00 0.00 ? 9   DG  A N7     1 
ATOM   267 C C5     . DG  A 1 9  ? -0.848  8.205   -2.720  1.00 0.00 ? 9   DG  A C5     1 
ATOM   268 C C6     . DG  A 1 9  ? -2.096  7.508   -2.519  1.00 0.00 ? 9   DG  A C6     1 
ATOM   269 O O6     . DG  A 1 9  ? -2.854  7.531   -1.550  1.00 0.00 ? 9   DG  A O6     1 
ATOM   270 N N1     . DG  A 1 9  ? -2.460  6.714   -3.588  1.00 0.00 ? 9   DG  A N1     1 
ATOM   271 C C2     . DG  A 1 9  ? -1.722  6.579   -4.715  1.00 0.00 ? 9   DG  A C2     1 
ATOM   272 N N2     . DG  A 1 9  ? -2.226  5.858   -5.677  1.00 0.00 ? 9   DG  A N2     1 
ATOM   273 N N3     . DG  A 1 9  ? -0.561  7.188   -4.941  1.00 0.00 ? 9   DG  A N3     1 
ATOM   274 C C4     . DG  A 1 9  ? -0.173  7.988   -3.903  1.00 0.00 ? 9   DG  A C4     1 
ATOM   275 H "H5'"  . DG  A 1 9  ? 5.829   9.310   -3.795  1.00 0.00 ? 9   DG  A "H5'"  1 
ATOM   276 H "H5''" . DG  A 1 9  ? 6.014   10.549  -5.037  1.00 0.00 ? 9   DG  A "H5''" 1 
ATOM   277 H "H4'"  . DG  A 1 9  ? 4.727   8.648   -5.828  1.00 0.00 ? 9   DG  A "H4'"  1 
ATOM   278 H "H3'"  . DG  A 1 9  ? 3.826   11.340  -6.070  1.00 0.00 ? 9   DG  A "H3'"  1 
ATOM   279 H "H2'"  . DG  A 1 9  ? 1.956   11.019  -4.715  1.00 0.00 ? 9   DG  A "H2'"  1 
ATOM   280 H "H2''" . DG  A 1 9  ? 1.241   10.396  -6.231  1.00 0.00 ? 9   DG  A "H2''" 1 
ATOM   281 H "H1'"  . DG  A 1 9  ? 1.821   8.129   -5.679  1.00 0.00 ? 9   DG  A "H1'"  1 
ATOM   282 H H8     . DG  A 1 9  ? 1.687   10.085  -2.308  1.00 0.00 ? 9   DG  A H8     1 
ATOM   283 H H1     . DG  A 1 9  ? -3.333  6.213   -3.512  1.00 0.00 ? 9   DG  A H1     1 
ATOM   284 H H21    . DG  A 1 9  ? -1.704  5.798   -6.534  1.00 0.00 ? 9   DG  A H21    1 
ATOM   285 H H22    . DG  A 1 9  ? -3.148  5.439   -5.582  1.00 0.00 ? 9   DG  A H22    1 
ATOM   286 P P      . DT  A 1 10 ? 2.797   10.573  -8.699  1.00 0.00 ? 10  DT  A P      1 
ATOM   287 O OP1    . DT  A 1 10 ? 3.624   10.292  -9.899  1.00 0.00 ? 10  DT  A OP1    1 
ATOM   288 O OP2    . DT  A 1 10 ? 2.529   11.986  -8.332  1.00 0.00 ? 10  DT  A OP2    1 
ATOM   289 O "O5'"  . DT  A 1 10 ? 1.380   9.820   -8.867  1.00 0.00 ? 10  DT  A "O5'"  1 
ATOM   290 C "C5'"  . DT  A 1 10 ? 1.321   8.442   -9.227  1.00 0.00 ? 10  DT  A "C5'"  1 
ATOM   291 C "C4'"  . DT  A 1 10 ? -0.101  7.962   -9.560  1.00 0.00 ? 10  DT  A "C4'"  1 
ATOM   292 O "O4'"  . DT  A 1 10 ? -0.876  7.863   -8.370  1.00 0.00 ? 10  DT  A "O4'"  1 
ATOM   293 C "C3'"  . DT  A 1 10 ? -0.833  8.879   -10.556 1.00 0.00 ? 10  DT  A "C3'"  1 
ATOM   294 O "O3'"  . DT  A 1 10 ? -1.419  8.093   -11.590 1.00 0.00 ? 10  DT  A "O3'"  1 
ATOM   295 C "C2'"  . DT  A 1 10 ? -1.857  9.573   -9.658  1.00 0.00 ? 10  DT  A "C2'"  1 
ATOM   296 C "C1'"  . DT  A 1 10 ? -2.110  8.534   -8.564  1.00 0.00 ? 10  DT  A "C1'"  1 
ATOM   297 N N1     . DT  A 1 10 ? -2.550  9.115   -7.263  1.00 0.00 ? 10  DT  A N1     1 
ATOM   298 C C2     . DT  A 1 10 ? -3.726  8.622   -6.678  1.00 0.00 ? 10  DT  A C2     1 
ATOM   299 O O2     . DT  A 1 10 ? -4.481  7.812   -7.211  1.00 0.00 ? 10  DT  A O2     1 
ATOM   300 N N3     . DT  A 1 10 ? -4.039  9.098   -5.426  1.00 0.00 ? 10  DT  A N3     1 
ATOM   301 C C4     . DT  A 1 10 ? -3.326  10.032  -4.713  1.00 0.00 ? 10  DT  A C4     1 
ATOM   302 O O4     . DT  A 1 10 ? -3.718  10.338  -3.589  1.00 0.00 ? 10  DT  A O4     1 
ATOM   303 C C5     . DT  A 1 10 ? -2.148  10.557  -5.400  1.00 0.00 ? 10  DT  A C5     1 
ATOM   304 C C7     . DT  A 1 10 ? -1.307  11.640  -4.745  1.00 0.00 ? 10  DT  A C7     1 
ATOM   305 C C6     . DT  A 1 10 ? -1.797  10.085  -6.627  1.00 0.00 ? 10  DT  A C6     1 
ATOM   306 H "H5'"  . DT  A 1 10 ? 1.719   7.833   -8.414  1.00 0.00 ? 10  DT  A "H5'"  1 
ATOM   307 H "H5''" . DT  A 1 10 ? 1.941   8.274   -10.108 1.00 0.00 ? 10  DT  A "H5''" 1 
ATOM   308 H "H4'"  . DT  A 1 10 ? -0.020  6.967   -10.003 1.00 0.00 ? 10  DT  A "H4'"  1 
ATOM   309 H "H3'"  . DT  A 1 10 ? -0.145  9.611   -10.985 1.00 0.00 ? 10  DT  A "H3'"  1 
ATOM   310 H "H2'"  . DT  A 1 10 ? -1.408  10.477  -9.252  1.00 0.00 ? 10  DT  A "H2'"  1 
ATOM   311 H "H2''" . DT  A 1 10 ? -2.773  9.825   -10.187 1.00 0.00 ? 10  DT  A "H2''" 1 
ATOM   312 H "H1'"  . DT  A 1 10 ? -2.853  7.822   -8.938  1.00 0.00 ? 10  DT  A "H1'"  1 
ATOM   313 H H3     . DT  A 1 10 ? -4.891  8.754   -5.008  1.00 0.00 ? 10  DT  A H3     1 
ATOM   314 H H71    . DT  A 1 10 ? -0.495  11.962  -5.397  1.00 0.00 ? 10  DT  A H71    1 
ATOM   315 H H72    . DT  A 1 10 ? -1.941  12.498  -4.520  1.00 0.00 ? 10  DT  A H72    1 
ATOM   316 H H73    . DT  A 1 10 ? -0.898  11.266  -3.806  1.00 0.00 ? 10  DT  A H73    1 
ATOM   317 H H6     . DT  A 1 10 ? -0.901  10.453  -7.111  1.00 0.00 ? 10  DT  A H6     1 
ATOM   318 P P      . DC  A 1 11 ? -2.186  8.741   -12.857 1.00 0.00 ? 11  DC  A P      1 
ATOM   319 O OP1    . DC  A 1 11 ? -2.053  7.806   -14.001 1.00 0.00 ? 11  DC  A OP1    1 
ATOM   320 O OP2    . DC  A 1 11 ? -1.745  10.149  -13.028 1.00 0.00 ? 11  DC  A OP2    1 
ATOM   321 O "O5'"  . DC  A 1 11 ? -3.723  8.749   -12.378 1.00 0.00 ? 11  DC  A "O5'"  1 
ATOM   322 C "C5'"  . DC  A 1 11 ? -4.423  7.528   -12.159 1.00 0.00 ? 11  DC  A "C5'"  1 
ATOM   323 C "C4'"  . DC  A 1 11 ? -5.799  7.747   -11.515 1.00 0.00 ? 11  DC  A "C4'"  1 
ATOM   324 O "O4'"  . DC  A 1 11 ? -5.649  8.281   -10.206 1.00 0.00 ? 11  DC  A "O4'"  1 
ATOM   325 C "C3'"  . DC  A 1 11 ? -6.721  8.685   -12.313 1.00 0.00 ? 11  DC  A "C3'"  1 
ATOM   326 O "O3'"  . DC  A 1 11 ? -7.873  7.968   -12.753 1.00 0.00 ? 11  DC  A "O3'"  1 
ATOM   327 C "C2'"  . DC  A 1 11 ? -7.052  9.782   -11.296 1.00 0.00 ? 11  DC  A "C2'"  1 
ATOM   328 C "C1'"  . DC  A 1 11 ? -6.762  9.114   -9.951  1.00 0.00 ? 11  DC  A "C1'"  1 
ATOM   329 N N1     . DC  A 1 11 ? -6.428  10.071  -8.857  1.00 0.00 ? 11  DC  A N1     1 
ATOM   330 C C2     . DC  A 1 11 ? -7.216  10.093  -7.697  1.00 0.00 ? 11  DC  A C2     1 
ATOM   331 O O2     . DC  A 1 11 ? -8.245  9.426   -7.585  1.00 0.00 ? 11  DC  A O2     1 
ATOM   332 N N3     . DC  A 1 11 ? -6.875  10.874  -6.645  1.00 0.00 ? 11  DC  A N3     1 
ATOM   333 C C4     . DC  A 1 11 ? -5.802  11.629  -6.743  1.00 0.00 ? 11  DC  A C4     1 
ATOM   334 N N4     . DC  A 1 11 ? -5.508  12.335  -5.691  1.00 0.00 ? 11  DC  A N4     1 
ATOM   335 C C5     . DC  A 1 11 ? -4.981  11.684  -7.900  1.00 0.00 ? 11  DC  A C5     1 
ATOM   336 C C6     . DC  A 1 11 ? -5.328  10.891  -8.947  1.00 0.00 ? 11  DC  A C6     1 
ATOM   337 H "H5'"  . DC  A 1 11 ? -3.837  6.883   -11.502 1.00 0.00 ? 11  DC  A "H5'"  1 
ATOM   338 H "H5''" . DC  A 1 11 ? -4.561  7.013   -13.111 1.00 0.00 ? 11  DC  A "H5''" 1 
ATOM   339 H "H4'"  . DC  A 1 11 ? -6.290  6.775   -11.432 1.00 0.00 ? 11  DC  A "H4'"  1 
ATOM   340 H "H3'"  . DC  A 1 11 ? -6.184  9.110   -13.164 1.00 0.00 ? 11  DC  A "H3'"  1 
ATOM   341 H "H2'"  . DC  A 1 11 ? -6.385  10.628  -11.463 1.00 0.00 ? 11  DC  A "H2'"  1 
ATOM   342 H "H2''" . DC  A 1 11 ? -8.089  10.106  -11.355 1.00 0.00 ? 11  DC  A "H2''" 1 
ATOM   343 H "H1'"  . DC  A 1 11 ? -7.624  8.496   -9.674  1.00 0.00 ? 11  DC  A "H1'"  1 
ATOM   344 H H41    . DC  A 1 11 ? -4.705  12.937  -5.692  1.00 0.00 ? 11  DC  A H41    1 
ATOM   345 H H42    . DC  A 1 11 ? -6.118  12.243  -4.884  1.00 0.00 ? 11  DC  A H42    1 
ATOM   346 H H5     . DC  A 1 11 ? -4.108  12.315  -7.966  1.00 0.00 ? 11  DC  A H5     1 
ATOM   347 H H6     . DC  A 1 11 ? -4.735  10.879  -9.854  1.00 0.00 ? 11  DC  A H6     1 
ATOM   348 P P      . DC  A 1 12 ? -8.920  8.577   -13.825 1.00 0.00 ? 12  DC  A P      1 
ATOM   349 O OP1    . DC  A 1 12 ? -9.593  7.439   -14.498 1.00 0.00 ? 12  DC  A OP1    1 
ATOM   350 O OP2    . DC  A 1 12 ? -8.226  9.589   -14.659 1.00 0.00 ? 12  DC  A OP2    1 
ATOM   351 O "O5'"  . DC  A 1 12 ? -10.005 9.344   -12.913 1.00 0.00 ? 12  DC  A "O5'"  1 
ATOM   352 C "C5'"  . DC  A 1 12 ? -10.979 8.629   -12.158 1.00 0.00 ? 12  DC  A "C5'"  1 
ATOM   353 C "C4'"  . DC  A 1 12 ? -11.764 9.535   -11.197 1.00 0.00 ? 12  DC  A "C4'"  1 
ATOM   354 O "O4'"  . DC  A 1 12 ? -10.926 9.984   -10.146 1.00 0.00 ? 12  DC  A "O4'"  1 
ATOM   355 C "C3'"  . DC  A 1 12 ? -12.371 10.793  -11.846 1.00 0.00 ? 12  DC  A "C3'"  1 
ATOM   356 O "O3'"  . DC  A 1 12 ? -13.737 10.617  -12.221 1.00 0.00 ? 12  DC  A "O3'"  1 
ATOM   357 C "C2'"  . DC  A 1 12 ? -12.259 11.844  -10.736 1.00 0.00 ? 12  DC  A "C2'"  1 
ATOM   358 C "C1'"  . DC  A 1 12 ? -11.522 11.138  -9.586  1.00 0.00 ? 12  DC  A "C1'"  1 
ATOM   359 N N1     . DC  A 1 12 ? -10.462 11.991  -8.978  1.00 0.00 ? 12  DC  A N1     1 
ATOM   360 C C2     . DC  A 1 12 ? -10.625 12.476  -7.673  1.00 0.00 ? 12  DC  A C2     1 
ATOM   361 O O2     . DC  A 1 12 ? -11.630 12.237  -7.001  1.00 0.00 ? 12  DC  A O2     1 
ATOM   362 N N3     . DC  A 1 12 ? -9.678  13.259  -7.103  1.00 0.00 ? 12  DC  A N3     1 
ATOM   363 C C4     . DC  A 1 12 ? -8.607  13.561  -7.808  1.00 0.00 ? 12  DC  A C4     1 
ATOM   364 N N4     . DC  A 1 12 ? -7.747  14.340  -7.222  1.00 0.00 ? 12  DC  A N4     1 
ATOM   365 C C5     . DC  A 1 12 ? -8.386  13.114  -9.140  1.00 0.00 ? 12  DC  A C5     1 
ATOM   366 C C6     . DC  A 1 12 ? -9.343  12.332  -9.698  1.00 0.00 ? 12  DC  A C6     1 
ATOM   367 H "H5'"  . DC  A 1 12 ? -10.487 7.851   -11.571 1.00 0.00 ? 12  DC  A "H5'"  1 
ATOM   368 H "H5''" . DC  A 1 12 ? -11.682 8.149   -12.841 1.00 0.00 ? 12  DC  A "H5''" 1 
ATOM   369 H "H4'"  . DC  A 1 12 ? -12.576 8.949   -10.760 1.00 0.00 ? 12  DC  A "H4'"  1 
ATOM   370 H "H3'"  . DC  A 1 12 ? -11.764 11.110  -12.699 1.00 0.00 ? 12  DC  A "H3'"  1 
ATOM   371 H "HO3'" . DC  A 1 12 ? -13.777 10.098  -13.051 1.00 0.00 ? 12  DC  A "HO3'" 1 
ATOM   372 H "H2'"  . DC  A 1 12 ? -11.695 12.700  -11.108 1.00 0.00 ? 12  DC  A "H2'"  1 
ATOM   373 H "H2''" . DC  A 1 12 ? -13.242 12.179  -10.396 1.00 0.00 ? 12  DC  A "H2''" 1 
ATOM   374 H "H1'"  . DC  A 1 12 ? -12.255 10.838  -8.829  1.00 0.00 ? 12  DC  A "H1'"  1 
ATOM   375 H H41    . DC  A 1 12 ? -6.907  14.610  -7.701  1.00 0.00 ? 12  DC  A H41    1 
ATOM   376 H H42    . DC  A 1 12 ? -7.938  14.606  -6.262  1.00 0.00 ? 12  DC  A H42    1 
ATOM   377 H H5     . DC  A 1 12 ? -7.506  13.381  -9.704  1.00 0.00 ? 12  DC  A H5     1 
ATOM   378 H H6     . DC  A 1 12 ? -9.240  11.966  -10.715 1.00 0.00 ? 12  DC  A H6     1 
ATOM   379 O "O5'"  . DG  B 2 1  ? -12.335 18.875  2.661   1.00 0.00 ? 13  DG  B "O5'"  1 
ATOM   380 C "C5'"  . DG  B 2 1  ? -11.990 17.545  3.040   1.00 0.00 ? 13  DG  B "C5'"  1 
ATOM   381 C "C4'"  . DG  B 2 1  ? -12.743 16.502  2.196   1.00 0.00 ? 13  DG  B "C4'"  1 
ATOM   382 O "O4'"  . DG  B 2 1  ? -12.297 16.570  0.842   1.00 0.00 ? 13  DG  B "O4'"  1 
ATOM   383 C "C3'"  . DG  B 2 1  ? -12.479 15.075  2.710   1.00 0.00 ? 13  DG  B "C3'"  1 
ATOM   384 O "O3'"  . DG  B 2 1  ? -13.712 14.372  2.827   1.00 0.00 ? 13  DG  B "O3'"  1 
ATOM   385 C "C2'"  . DG  B 2 1  ? -11.555 14.496  1.640   1.00 0.00 ? 13  DG  B "C2'"  1 
ATOM   386 C "C1'"  . DG  B 2 1  ? -11.964 15.268  0.387   1.00 0.00 ? 13  DG  B "C1'"  1 
ATOM   387 N N9     . DG  B 2 1  ? -10.863 15.355  -0.604  1.00 0.00 ? 13  DG  B N9     1 
ATOM   388 C C8     . DG  B 2 1  ? -9.656  16.000  -0.473  1.00 0.00 ? 13  DG  B C8     1 
ATOM   389 N N7     . DG  B 2 1  ? -8.895  15.945  -1.535  1.00 0.00 ? 13  DG  B N7     1 
ATOM   390 C C5     . DG  B 2 1  ? -9.653  15.186  -2.440  1.00 0.00 ? 13  DG  B C5     1 
ATOM   391 C C6     . DG  B 2 1  ? -9.389  14.779  -3.797  1.00 0.00 ? 13  DG  B C6     1 
ATOM   392 O O6     . DG  B 2 1  ? -8.414  15.023  -4.510  1.00 0.00 ? 13  DG  B O6     1 
ATOM   393 N N1     . DG  B 2 1  ? -10.401 14.018  -4.349  1.00 0.00 ? 13  DG  B N1     1 
ATOM   394 C C2     . DG  B 2 1  ? -11.547 13.703  -3.702  1.00 0.00 ? 13  DG  B C2     1 
ATOM   395 N N2     . DG  B 2 1  ? -12.416 12.980  -4.353  1.00 0.00 ? 13  DG  B N2     1 
ATOM   396 N N3     . DG  B 2 1  ? -11.849 14.073  -2.460  1.00 0.00 ? 13  DG  B N3     1 
ATOM   397 C C4     . DG  B 2 1  ? -10.857 14.814  -1.873  1.00 0.00 ? 13  DG  B C4     1 
ATOM   398 H "H5'"  . DG  B 2 1  ? -12.249 17.397  4.091   1.00 0.00 ? 13  DG  B "H5'"  1 
ATOM   399 H "H5''" . DG  B 2 1  ? -10.914 17.388  2.927   1.00 0.00 ? 13  DG  B "H5''" 1 
ATOM   400 H "H4'"  . DG  B 2 1  ? -13.814 16.707  2.247   1.00 0.00 ? 13  DG  B "H4'"  1 
ATOM   401 H "H3'"  . DG  B 2 1  ? -11.969 15.104  3.676   1.00 0.00 ? 13  DG  B "H3'"  1 
ATOM   402 H "H2'"  . DG  B 2 1  ? -10.519 14.716  1.903   1.00 0.00 ? 13  DG  B "H2'"  1 
ATOM   403 H "H2''" . DG  B 2 1  ? -11.690 13.424  1.507   1.00 0.00 ? 13  DG  B "H2''" 1 
ATOM   404 H "H1'"  . DG  B 2 1  ? -12.841 14.791  -0.062  1.00 0.00 ? 13  DG  B "H1'"  1 
ATOM   405 H H8     . DG  B 2 1  ? -9.381  16.526  0.435   1.00 0.00 ? 13  DG  B H8     1 
ATOM   406 H H1     . DG  B 2 1  ? -10.271 13.705  -5.301  1.00 0.00 ? 13  DG  B H1     1 
ATOM   407 H H21    . DG  B 2 1  ? -13.259 12.709  -3.876  1.00 0.00 ? 13  DG  B H21    1 
ATOM   408 H H22    . DG  B 2 1  ? -12.211 12.658  -5.297  1.00 0.00 ? 13  DG  B H22    1 
ATOM   409 H "HO5'" . DG  B 2 1  ? -12.132 18.998  1.709   1.00 0.00 ? 13  DG  B "HO5'" 1 
ATOM   410 P P      . DG  B 2 2  ? -13.826 12.935  3.555   1.00 0.00 ? 14  DG  B P      1 
ATOM   411 O OP1    . DG  B 2 2  ? -15.196 12.819  4.115   1.00 0.00 ? 14  DG  B OP1    1 
ATOM   412 O OP2    . DG  B 2 2  ? -12.666 12.759  4.464   1.00 0.00 ? 14  DG  B OP2    1 
ATOM   413 O "O5'"  . DG  B 2 2  ? -13.676 11.888  2.342   1.00 0.00 ? 14  DG  B "O5'"  1 
ATOM   414 C "C5'"  . DG  B 2 2  ? -14.698 11.754  1.360   1.00 0.00 ? 14  DG  B "C5'"  1 
ATOM   415 C "C4'"  . DG  B 2 2  ? -14.353 10.731  0.267   1.00 0.00 ? 14  DG  B "C4'"  1 
ATOM   416 O "O4'"  . DG  B 2 2  ? -13.327 11.242  -0.579  1.00 0.00 ? 14  DG  B "O4'"  1 
ATOM   417 C "C3'"  . DG  B 2 2  ? -13.895 9.366   0.817   1.00 0.00 ? 14  DG  B "C3'"  1 
ATOM   418 O "O3'"  . DG  B 2 2  ? -14.660 8.335   0.201   1.00 0.00 ? 14  DG  B "O3'"  1 
ATOM   419 C "C2'"  . DG  B 2 2  ? -12.417 9.347   0.425   1.00 0.00 ? 14  DG  B "C2'"  1 
ATOM   420 C "C1'"  . DG  B 2 2  ? -12.410 10.194  -0.845  1.00 0.00 ? 14  DG  B "C1'"  1 
ATOM   421 N N9     . DG  B 2 2  ? -11.076 10.759  -1.161  1.00 0.00 ? 14  DG  B N9     1 
ATOM   422 C C8     . DG  B 2 2  ? -10.234 11.475  -0.344  1.00 0.00 ? 14  DG  B C8     1 
ATOM   423 N N7     . DG  B 2 2  ? -9.134  11.879  -0.923  1.00 0.00 ? 14  DG  B N7     1 
ATOM   424 C C5     . DG  B 2 2  ? -9.244  11.367  -2.223  1.00 0.00 ? 14  DG  B C5     1 
ATOM   425 C C6     . DG  B 2 2  ? -8.364  11.454  -3.360  1.00 0.00 ? 14  DG  B C6     1 
ATOM   426 O O6     . DG  B 2 2  ? -7.280  12.029  -3.461  1.00 0.00 ? 14  DG  B O6     1 
ATOM   427 N N1     . DG  B 2 2  ? -8.835  10.790  -4.473  1.00 0.00 ? 14  DG  B N1     1 
ATOM   428 C C2     . DG  B 2 2  ? -10.014 10.125  -4.515  1.00 0.00 ? 14  DG  B C2     1 
ATOM   429 N N2     . DG  B 2 2  ? -10.308 9.503   -5.621  1.00 0.00 ? 14  DG  B N2     1 
ATOM   430 N N3     . DG  B 2 2  ? -10.866 10.024  -3.496  1.00 0.00 ? 14  DG  B N3     1 
ATOM   431 C C4     . DG  B 2 2  ? -10.426 10.669  -2.372  1.00 0.00 ? 14  DG  B C4     1 
ATOM   432 H "H5'"  . DG  B 2 2  ? -14.879 12.720  0.886   1.00 0.00 ? 14  DG  B "H5'"  1 
ATOM   433 H "H5''" . DG  B 2 2  ? -15.622 11.435  1.845   1.00 0.00 ? 14  DG  B "H5''" 1 
ATOM   434 H "H4'"  . DG  B 2 2  ? -15.249 10.574  -0.335  1.00 0.00 ? 14  DG  B "H4'"  1 
ATOM   435 H "H3'"  . DG  B 2 2  ? -14.004 9.323   1.903   1.00 0.00 ? 14  DG  B "H3'"  1 
ATOM   436 H "H2'"  . DG  B 2 2  ? -11.837 9.827   1.212   1.00 0.00 ? 14  DG  B "H2'"  1 
ATOM   437 H "H2''" . DG  B 2 2  ? -12.041 8.342   0.240   1.00 0.00 ? 14  DG  B "H2''" 1 
ATOM   438 H "H1'"  . DG  B 2 2  ? -12.766 9.588   -1.683  1.00 0.00 ? 14  DG  B "H1'"  1 
ATOM   439 H H8     . DG  B 2 2  ? -10.481 11.696  0.687   1.00 0.00 ? 14  DG  B H8     1 
ATOM   440 H H1     . DG  B 2 2  ? -8.239  10.780  -5.288  1.00 0.00 ? 14  DG  B H1     1 
ATOM   441 H H21    . DG  B 2 2  ? -11.154 8.961   -5.645  1.00 0.00 ? 14  DG  B H21    1 
ATOM   442 H H22    . DG  B 2 2  ? -9.633  9.467   -6.382  1.00 0.00 ? 14  DG  B H22    1 
ATOM   443 P P      . DA  B 2 3  ? -14.493 6.771   0.568   1.00 0.00 ? 15  DA  B P      1 
ATOM   444 O OP1    . DA  B 2 3  ? -15.839 6.146   0.525   1.00 0.00 ? 15  DA  B OP1    1 
ATOM   445 O OP2    . DA  B 2 3  ? -13.680 6.635   1.802   1.00 0.00 ? 15  DA  B OP2    1 
ATOM   446 O "O5'"  . DA  B 2 3  ? -13.628 6.211   -0.671  1.00 0.00 ? 15  DA  B "O5'"  1 
ATOM   447 C "C5'"  . DA  B 2 3  ? -14.179 6.182   -1.984  1.00 0.00 ? 15  DA  B "C5'"  1 
ATOM   448 C "C4'"  . DA  B 2 3  ? -13.218 5.615   -3.040  1.00 0.00 ? 15  DA  B "C4'"  1 
ATOM   449 O "O4'"  . DA  B 2 3  ? -12.124 6.508   -3.233  1.00 0.00 ? 15  DA  B "O4'"  1 
ATOM   450 C "C3'"  . DA  B 2 3  ? -12.663 4.223   -2.688  1.00 0.00 ? 15  DA  B "C3'"  1 
ATOM   451 O "O3'"  . DA  B 2 3  ? -12.768 3.385   -3.835  1.00 0.00 ? 15  DA  B "O3'"  1 
ATOM   452 C "C2'"  . DA  B 2 3  ? -11.230 4.560   -2.283  1.00 0.00 ? 15  DA  B "C2'"  1 
ATOM   453 C "C1'"  . DA  B 2 3  ? -10.915 5.773   -3.158  1.00 0.00 ? 15  DA  B "C1'"  1 
ATOM   454 N N9     . DA  B 2 3  ? -9.848  6.632   -2.595  1.00 0.00 ? 15  DA  B N9     1 
ATOM   455 C C8     . DA  B 2 3  ? -9.704  7.096   -1.307  1.00 0.00 ? 15  DA  B C8     1 
ATOM   456 N N7     . DA  B 2 3  ? -8.636  7.827   -1.108  1.00 0.00 ? 15  DA  B N7     1 
ATOM   457 C C5     . DA  B 2 3  ? -8.028  7.838   -2.375  1.00 0.00 ? 15  DA  B C5     1 
ATOM   458 C C6     . DA  B 2 3  ? -6.852  8.414   -2.916  1.00 0.00 ? 15  DA  B C6     1 
ATOM   459 N N6     . DA  B 2 3  ? -5.992  9.152   -2.241  1.00 0.00 ? 15  DA  B N6     1 
ATOM   460 N N1     . DA  B 2 3  ? -6.534  8.255   -4.200  1.00 0.00 ? 15  DA  B N1     1 
ATOM   461 C C2     . DA  B 2 3  ? -7.345  7.535   -4.963  1.00 0.00 ? 15  DA  B C2     1 
ATOM   462 N N3     . DA  B 2 3  ? -8.469  6.927   -4.602  1.00 0.00 ? 15  DA  B N3     1 
ATOM   463 C C4     . DA  B 2 3  ? -8.761  7.121   -3.284  1.00 0.00 ? 15  DA  B C4     1 
ATOM   464 H "H5'"  . DA  B 2 3  ? -14.461 7.193   -2.284  1.00 0.00 ? 15  DA  B "H5'"  1 
ATOM   465 H "H5''" . DA  B 2 3  ? -15.080 5.568   -1.983  1.00 0.00 ? 15  DA  B "H5''" 1 
ATOM   466 H "H4'"  . DA  B 2 3  ? -13.770 5.537   -3.980  1.00 0.00 ? 15  DA  B "H4'"  1 
ATOM   467 H "H3'"  . DA  B 2 3  ? -13.207 3.784   -1.847  1.00 0.00 ? 15  DA  B "H3'"  1 
ATOM   468 H "H2'"  . DA  B 2 3  ? -11.221 4.830   -1.226  1.00 0.00 ? 15  DA  B "H2'"  1 
ATOM   469 H "H2''" . DA  B 2 3  ? -10.536 3.741   -2.459  1.00 0.00 ? 15  DA  B "H2''" 1 
ATOM   470 H "H1'"  . DA  B 2 3  ? -10.629 5.425   -4.156  1.00 0.00 ? 15  DA  B "H1'"  1 
ATOM   471 H H8     . DA  B 2 3  ? -10.424 6.872   -0.529  1.00 0.00 ? 15  DA  B H8     1 
ATOM   472 H H61    . DA  B 2 3  ? -6.145  9.322   -1.261  1.00 0.00 ? 15  DA  B H61    1 
ATOM   473 H H62    . DA  B 2 3  ? -5.195  9.543   -2.731  1.00 0.00 ? 15  DA  B H62    1 
ATOM   474 H H2     . DA  B 2 3  ? -7.054  7.424   -6.000  1.00 0.00 ? 15  DA  B H2     1 
ATOM   475 P P      . DC  B 2 4  ? -12.228 1.863   -3.882  1.00 0.00 ? 16  DC  B P      1 
ATOM   476 O OP1    . DC  B 2 4  ? -13.087 1.102   -4.823  1.00 0.00 ? 16  DC  B OP1    1 
ATOM   477 O OP2    . DC  B 2 4  ? -12.059 1.356   -2.497  1.00 0.00 ? 16  DC  B OP2    1 
ATOM   478 O "O5'"  . DC  B 2 4  ? -10.771 2.041   -4.547  1.00 0.00 ? 16  DC  B "O5'"  1 
ATOM   479 C "C5'"  . DC  B 2 4  ? -10.644 2.540   -5.875  1.00 0.00 ? 16  DC  B "C5'"  1 
ATOM   480 C "C4'"  . DC  B 2 4  ? -9.190  2.782   -6.300  1.00 0.00 ? 16  DC  B "C4'"  1 
ATOM   481 O "O4'"  . DC  B 2 4  ? -8.585  3.774   -5.481  1.00 0.00 ? 16  DC  B "O4'"  1 
ATOM   482 C "C3'"  . DC  B 2 4  ? -8.308  1.522   -6.261  1.00 0.00 ? 16  DC  B "C3'"  1 
ATOM   483 O "O3'"  . DC  B 2 4  ? -7.748  1.320   -7.555  1.00 0.00 ? 16  DC  B "O3'"  1 
ATOM   484 C "C2'"  . DC  B 2 4  ? -7.267  1.883   -5.200  1.00 0.00 ? 16  DC  B "C2'"  1 
ATOM   485 C "C1'"  . DC  B 2 4  ? -7.232  3.408   -5.287  1.00 0.00 ? 16  DC  B "C1'"  1 
ATOM   486 N N1     . DC  B 2 4  ? -6.692  4.043   -4.052  1.00 0.00 ? 16  DC  B N1     1 
ATOM   487 C C2     . DC  B 2 4  ? -5.474  4.734   -4.108  1.00 0.00 ? 16  DC  B C2     1 
ATOM   488 O O2     . DC  B 2 4  ? -4.809  4.815   -5.139  1.00 0.00 ? 16  DC  B O2     1 
ATOM   489 N N3     . DC  B 2 4  ? -4.973  5.343   -3.007  1.00 0.00 ? 16  DC  B N3     1 
ATOM   490 C C4     . DC  B 2 4  ? -5.650  5.264   -1.883  1.00 0.00 ? 16  DC  B C4     1 
ATOM   491 N N4     . DC  B 2 4  ? -5.136  5.903   -0.873  1.00 0.00 ? 16  DC  B N4     1 
ATOM   492 C C5     . DC  B 2 4  ? -6.884  4.570   -1.752  1.00 0.00 ? 16  DC  B C5     1 
ATOM   493 C C6     . DC  B 2 4  ? -7.376  3.963   -2.864  1.00 0.00 ? 16  DC  B C6     1 
ATOM   494 H "H5'"  . DC  B 2 4  ? -11.183 3.485   -5.962  1.00 0.00 ? 16  DC  B "H5'"  1 
ATOM   495 H "H5''" . DC  B 2 4  ? -11.093 1.830   -6.571  1.00 0.00 ? 16  DC  B "H5''" 1 
ATOM   496 H "H4'"  . DC  B 2 4  ? -9.205  3.152   -7.326  1.00 0.00 ? 16  DC  B "H4'"  1 
ATOM   497 H "H3'"  . DC  B 2 4  ? -8.888  0.649   -5.949  1.00 0.00 ? 16  DC  B "H3'"  1 
ATOM   498 H "H2'"  . DC  B 2 4  ? -7.632  1.562   -4.223  1.00 0.00 ? 16  DC  B "H2'"  1 
ATOM   499 H "H2''" . DC  B 2 4  ? -6.290  1.446   -5.400  1.00 0.00 ? 16  DC  B "H2''" 1 
ATOM   500 H "H1'"  . DC  B 2 4  ? -6.641  3.699   -6.163  1.00 0.00 ? 16  DC  B "H1'"  1 
ATOM   501 H H41    . DC  B 2 4  ? -5.605  5.903   0.014   1.00 0.00 ? 16  DC  B H41    1 
ATOM   502 H H42    . DC  B 2 4  ? -4.286  6.430   -1.045  1.00 0.00 ? 16  DC  B H42    1 
ATOM   503 H H5     . DC  B 2 4  ? -7.426  4.517   -0.822  1.00 0.00 ? 16  DC  B H5     1 
ATOM   504 H H6     . DC  B 2 4  ? -8.314  3.420   -2.835  1.00 0.00 ? 16  DC  B H6     1 
ATOM   505 P P      . DT  B 2 5  ? -6.836  0.044   -7.928  1.00 0.00 ? 17  DT  B P      1 
ATOM   506 O OP1    . DT  B 2 5  ? -7.065  -0.273  -9.360  1.00 0.00 ? 17  DT  B OP1    1 
ATOM   507 O OP2    . DT  B 2 5  ? -7.052  -1.023  -6.919  1.00 0.00 ? 17  DT  B OP2    1 
ATOM   508 O "O5'"  . DT  B 2 5  ? -5.333  0.602   -7.760  1.00 0.00 ? 17  DT  B "O5'"  1 
ATOM   509 C "C5'"  . DT  B 2 5  ? -4.818  1.602   -8.637  1.00 0.00 ? 17  DT  B "C5'"  1 
ATOM   510 C "C4'"  . DT  B 2 5  ? -3.318  1.867   -8.432  1.00 0.00 ? 17  DT  B "C4'"  1 
ATOM   511 O "O4'"  . DT  B 2 5  ? -3.104  2.575   -7.218  1.00 0.00 ? 17  DT  B "O4'"  1 
ATOM   512 C "C3'"  . DT  B 2 5  ? -2.483  0.574   -8.404  1.00 0.00 ? 17  DT  B "C3'"  1 
ATOM   513 O "O3'"  . DT  B 2 5  ? -1.427  0.643   -9.357  1.00 0.00 ? 17  DT  B "O3'"  1 
ATOM   514 C "C2'"  . DT  B 2 5  ? -1.981  0.536   -6.962  1.00 0.00 ? 17  DT  B "C2'"  1 
ATOM   515 C "C1'"  . DT  B 2 5  ? -1.991  2.010   -6.549  1.00 0.00 ? 17  DT  B "C1'"  1 
ATOM   516 N N1     . DT  B 2 5  ? -2.152  2.228   -5.084  1.00 0.00 ? 17  DT  B N1     1 
ATOM   517 C C2     . DT  B 2 5  ? -1.184  2.982   -4.403  1.00 0.00 ? 17  DT  B C2     1 
ATOM   518 O O2     . DT  B 2 5  ? -0.137  3.380   -4.913  1.00 0.00 ? 17  DT  B O2     1 
ATOM   519 N N3     . DT  B 2 5  ? -1.444  3.272   -3.083  1.00 0.00 ? 17  DT  B N3     1 
ATOM   520 C C4     . DT  B 2 5  ? -2.526  2.836   -2.356  1.00 0.00 ? 17  DT  B C4     1 
ATOM   521 O O4     . DT  B 2 5  ? -2.622  3.174   -1.176  1.00 0.00 ? 17  DT  B O4     1 
ATOM   522 C C5     . DT  B 2 5  ? -3.461  1.993   -3.100  1.00 0.00 ? 17  DT  B C5     1 
ATOM   523 C C7     . DT  B 2 5  ? -4.677  1.408   -2.403  1.00 0.00 ? 17  DT  B C7     1 
ATOM   524 C C6     . DT  B 2 5  ? -3.257  1.731   -4.418  1.00 0.00 ? 17  DT  B C6     1 
ATOM   525 H "H5'"  . DT  B 2 5  ? -5.366  2.535   -8.495  1.00 0.00 ? 17  DT  B "H5'"  1 
ATOM   526 H "H5''" . DT  B 2 5  ? -4.960  1.280   -9.669  1.00 0.00 ? 17  DT  B "H5''" 1 
ATOM   527 H "H4'"  . DT  B 2 5  ? -2.969  2.486   -9.260  1.00 0.00 ? 17  DT  B "H4'"  1 
ATOM   528 H "H3'"  . DT  B 2 5  ? -3.114  -0.293  -8.608  1.00 0.00 ? 17  DT  B "H3'"  1 
ATOM   529 H "H2'"  . DT  B 2 5  ? -2.679  -0.046  -6.363  1.00 0.00 ? 17  DT  B "H2'"  1 
ATOM   530 H "H2''" . DT  B 2 5  ? -0.984  0.111   -6.891  1.00 0.00 ? 17  DT  B "H2''" 1 
ATOM   531 H "H1'"  . DT  B 2 5  ? -1.071  2.479   -6.914  1.00 0.00 ? 17  DT  B "H1'"  1 
ATOM   532 H H3     . DT  B 2 5  ? -0.768  3.835   -2.589  1.00 0.00 ? 17  DT  B H3     1 
ATOM   533 H H71    . DT  B 2 5  ? -5.265  2.210   -1.959  1.00 0.00 ? 17  DT  B H71    1 
ATOM   534 H H72    . DT  B 2 5  ? -5.299  0.843   -3.098  1.00 0.00 ? 17  DT  B H72    1 
ATOM   535 H H73    . DT  B 2 5  ? -4.347  0.748   -1.601  1.00 0.00 ? 17  DT  B H73    1 
ATOM   536 H H6     . DT  B 2 5  ? -3.976  1.138   -4.969  1.00 0.00 ? 17  DT  B H6     1 
ATOM   537 P P      . DC  B 2 6  ? -0.539  -0.649  -9.763  1.00 0.00 ? 18  DC  B P      1 
ATOM   538 O OP1    . DC  B 2 6  ? -0.303  -0.594  -11.227 1.00 0.00 ? 18  DC  B OP1    1 
ATOM   539 O OP2    . DC  B 2 6  ? -1.153  -1.869  -9.184  1.00 0.00 ? 18  DC  B OP2    1 
ATOM   540 O "O5'"  . DC  B 2 6  ? 0.860   -0.398  -9.007  1.00 0.00 ? 18  DC  B "O5'"  1 
ATOM   541 C "C5'"  . DC  B 2 6  ? 1.749   0.626   -9.442  1.00 0.00 ? 18  DC  B "C5'"  1 
ATOM   542 C "C4'"  . DC  B 2 6  ? 2.970   0.778   -8.525  1.00 0.00 ? 18  DC  B "C4'"  1 
ATOM   543 O "O4'"  . DC  B 2 6  ? 2.537   1.223   -7.247  1.00 0.00 ? 18  DC  B "O4'"  1 
ATOM   544 C "C3'"  . DC  B 2 6  ? 3.794   -0.513  -8.361  1.00 0.00 ? 18  DC  B "C3'"  1 
ATOM   545 O "O3'"  . DC  B 2 6  ? 5.150   -0.248  -8.711  1.00 0.00 ? 18  DC  B "O3'"  1 
ATOM   546 C "C2'"  . DC  B 2 6  ? 3.582   -0.861  -6.885  1.00 0.00 ? 18  DC  B "C2'"  1 
ATOM   547 C "C1'"  . DC  B 2 6  ? 3.185   0.473   -6.241  1.00 0.00 ? 18  DC  B "C1'"  1 
ATOM   548 N N1     . DC  B 2 6  ? 2.241   0.355   -5.091  1.00 0.00 ? 18  DC  B N1     1 
ATOM   549 C C2     . DC  B 2 6  ? 2.492   1.088   -3.923  1.00 0.00 ? 18  DC  B C2     1 
ATOM   550 O O2     . DC  B 2 6  ? 3.507   1.768   -3.779  1.00 0.00 ? 18  DC  B O2     1 
ATOM   551 N N3     . DC  B 2 6  ? 1.624   1.069   -2.886  1.00 0.00 ? 18  DC  B N3     1 
ATOM   552 C C4     . DC  B 2 6  ? 0.537   0.335   -2.995  1.00 0.00 ? 18  DC  B C4     1 
ATOM   553 N N4     . DC  B 2 6  ? -0.272  0.372   -1.979  1.00 0.00 ? 18  DC  B N4     1 
ATOM   554 C C5     . DC  B 2 6  ? 0.207   -0.421  -4.152  1.00 0.00 ? 18  DC  B C5     1 
ATOM   555 C C6     . DC  B 2 6  ? 1.086   -0.387  -5.186  1.00 0.00 ? 18  DC  B C6     1 
ATOM   556 H "H5'"  . DC  B 2 6  ? 1.220   1.580   -9.468  1.00 0.00 ? 18  DC  B "H5'"  1 
ATOM   557 H "H5''" . DC  B 2 6  ? 2.100   0.401   -10.450 1.00 0.00 ? 18  DC  B "H5''" 1 
ATOM   558 H "H4'"  . DC  B 2 6  ? 3.620   1.544   -8.955  1.00 0.00 ? 18  DC  B "H4'"  1 
ATOM   559 H "H3'"  . DC  B 2 6  ? 3.390   -1.308  -8.993  1.00 0.00 ? 18  DC  B "H3'"  1 
ATOM   560 H "H2'"  . DC  B 2 6  ? 2.782   -1.597  -6.819  1.00 0.00 ? 18  DC  B "H2'"  1 
ATOM   561 H "H2''" . DC  B 2 6  ? 4.477   -1.266  -6.418  1.00 0.00 ? 18  DC  B "H2''" 1 
ATOM   562 H "H1'"  . DC  B 2 6  ? 4.102   0.991   -5.935  1.00 0.00 ? 18  DC  B "H1'"  1 
ATOM   563 H H41    . DC  B 2 6  ? -1.099  -0.197  -1.968  1.00 0.00 ? 18  DC  B H41    1 
ATOM   564 H H42    . DC  B 2 6  ? 0.025   0.932   -1.187  1.00 0.00 ? 18  DC  B H42    1 
ATOM   565 H H5     . DC  B 2 6  ? -0.702  -0.996  -4.232  1.00 0.00 ? 18  DC  B H5     1 
ATOM   566 H H6     . DC  B 2 6  ? 0.872   -0.925  -6.103  1.00 0.00 ? 18  DC  B H6     1 
ATOM   567 P P      . DG  B 2 7  ? 6.309   -1.374  -8.669  1.00 0.00 ? 19  DG  B P      1 
ATOM   568 O OP1    . DG  B 2 7  ? 7.343   -1.004  -9.668  1.00 0.00 ? 19  DG  B OP1    1 
ATOM   569 O OP2    . DG  B 2 7  ? 5.692   -2.723  -8.741  1.00 0.00 ? 19  DG  B OP2    1 
ATOM   570 O "O5'"  . DG  B 2 7  ? 6.926   -1.174  -7.195  1.00 0.00 ? 19  DG  B "O5'"  1 
ATOM   571 C "C5'"  . DG  B 2 7  ? 7.546   0.056   -6.834  1.00 0.00 ? 19  DG  B "C5'"  1 
ATOM   572 C "C4'"  . DG  B 2 7  ? 7.848   0.155   -5.333  1.00 0.00 ? 19  DG  B "C4'"  1 
ATOM   573 O "O4'"  . DG  B 2 7  ? 6.633   0.230   -4.593  1.00 0.00 ? 19  DG  B "O4'"  1 
ATOM   574 C "C3'"  . DG  B 2 7  ? 8.675   -1.021  -4.781  1.00 0.00 ? 19  DG  B "C3'"  1 
ATOM   575 O "O3'"  . DG  B 2 7  ? 9.775   -0.489  -4.047  1.00 0.00 ? 19  DG  B "O3'"  1 
ATOM   576 C "C2'"  . DG  B 2 7  ? 7.645   -1.736  -3.905  1.00 0.00 ? 19  DG  B "C2'"  1 
ATOM   577 C "C1'"  . DG  B 2 7  ? 6.786   -0.568  -3.434  1.00 0.00 ? 19  DG  B "C1'"  1 
ATOM   578 N N9     . DG  B 2 7  ? 5.466   -0.980  -2.907  1.00 0.00 ? 19  DG  B N9     1 
ATOM   579 C C8     . DG  B 2 7  ? 4.545   -1.831  -3.467  1.00 0.00 ? 19  DG  B C8     1 
ATOM   580 N N7     . DG  B 2 7  ? 3.459   -1.995  -2.759  1.00 0.00 ? 19  DG  B N7     1 
ATOM   581 C C5     . DG  B 2 7  ? 3.690   -1.205  -1.623  1.00 0.00 ? 19  DG  B C5     1 
ATOM   582 C C6     . DG  B 2 7  ? 2.892   -0.969  -0.446  1.00 0.00 ? 19  DG  B C6     1 
ATOM   583 O O6     . DG  B 2 7  ? 1.768   -1.388  -0.170  1.00 0.00 ? 19  DG  B O6     1 
ATOM   584 N N1     . DG  B 2 7  ? 3.513   -0.164  0.487   1.00 0.00 ? 19  DG  B N1     1 
ATOM   585 C C2     . DG  B 2 7  ? 4.744   0.371   0.320   1.00 0.00 ? 19  DG  B C2     1 
ATOM   586 N N2     . DG  B 2 7  ? 5.222   1.079   1.306   1.00 0.00 ? 19  DG  B N2     1 
ATOM   587 N N3     . DG  B 2 7  ? 5.507   0.208   -0.756  1.00 0.00 ? 19  DG  B N3     1 
ATOM   588 C C4     . DG  B 2 7  ? 4.925   -0.595  -1.700  1.00 0.00 ? 19  DG  B C4     1 
ATOM   589 H "H5'"  . DG  B 2 7  ? 6.893   0.889   -7.101  1.00 0.00 ? 19  DG  B "H5'"  1 
ATOM   590 H "H5''" . DG  B 2 7  ? 8.480   0.166   -7.388  1.00 0.00 ? 19  DG  B "H5''" 1 
ATOM   591 H "H4'"  . DG  B 2 7  ? 8.409   1.076   -5.167  1.00 0.00 ? 19  DG  B "H4'"  1 
ATOM   592 H "H3'"  . DG  B 2 7  ? 9.025   -1.674  -5.583  1.00 0.00 ? 19  DG  B "H3'"  1 
ATOM   593 H "H2'"  . DG  B 2 7  ? 7.063   -2.418  -4.526  1.00 0.00 ? 19  DG  B "H2'"  1 
ATOM   594 H "H2''" . DG  B 2 7  ? 8.096   -2.274  -3.074  1.00 0.00 ? 19  DG  B "H2''" 1 
ATOM   595 H "H1'"  . DG  B 2 7  ? 7.332   -0.013  -2.666  1.00 0.00 ? 19  DG  B "H1'"  1 
ATOM   596 H H8     . DG  B 2 7  ? 4.710   -2.315  -4.423  1.00 0.00 ? 19  DG  B H8     1 
ATOM   597 H H1     . DG  B 2 7  ? 3.013   0.013   1.344   1.00 0.00 ? 19  DG  B H1     1 
ATOM   598 H H21    . DG  B 2 7  ? 6.144   1.465   1.204   1.00 0.00 ? 19  DG  B H21    1 
ATOM   599 H H22    . DG  B 2 7  ? 4.702   1.168   2.177   1.00 0.00 ? 19  DG  B H22    1 
ATOM   600 P P      . DC  B 2 8  ? 10.902  -1.402  -3.336  1.00 0.00 ? 20  DC  B P      1 
ATOM   601 O OP1    . DC  B 2 8  ? 12.225  -0.790  -3.617  1.00 0.00 ? 20  DC  B OP1    1 
ATOM   602 O OP2    . DC  B 2 8  ? 10.684  -2.828  -3.685  1.00 0.00 ? 20  DC  B OP2    1 
ATOM   603 O "O5'"  . DC  B 2 8  ? 10.566  -1.205  -1.770  1.00 0.00 ? 20  DC  B "O5'"  1 
ATOM   604 C "C5'"  . DC  B 2 8  ? 10.717  0.071   -1.152  1.00 0.00 ? 20  DC  B "C5'"  1 
ATOM   605 C "C4'"  . DC  B 2 8  ? 10.379  0.088   0.348   1.00 0.00 ? 20  DC  B "C4'"  1 
ATOM   606 O "O4'"  . DC  B 2 8  ? 8.988   -0.151  0.536   1.00 0.00 ? 20  DC  B "O4'"  1 
ATOM   607 C "C3'"  . DC  B 2 8  ? 11.170  -0.941  1.174   1.00 0.00 ? 20  DC  B "C3'"  1 
ATOM   608 O "O3'"  . DC  B 2 8  ? 11.629  -0.331  2.379   1.00 0.00 ? 20  DC  B "O3'"  1 
ATOM   609 C "C2'"  . DC  B 2 8  ? 10.121  -2.026  1.407   1.00 0.00 ? 20  DC  B "C2'"  1 
ATOM   610 C "C1'"  . DC  B 2 8  ? 8.821   -1.219  1.453   1.00 0.00 ? 20  DC  B "C1'"  1 
ATOM   611 N N1     . DC  B 2 8  ? 7.619   -2.011  1.067   1.00 0.00 ? 20  DC  B N1     1 
ATOM   612 C C2     . DC  B 2 8  ? 6.536   -2.093  1.952   1.00 0.00 ? 20  DC  B C2     1 
ATOM   613 O O2     . DC  B 2 8  ? 6.540   -1.550  3.055   1.00 0.00 ? 20  DC  B O2     1 
ATOM   614 N N3     . DC  B 2 8  ? 5.424   -2.792  1.622   1.00 0.00 ? 20  DC  B N3     1 
ATOM   615 C C4     . DC  B 2 8  ? 5.381   -3.391  0.452   1.00 0.00 ? 20  DC  B C4     1 
ATOM   616 N N4     . DC  B 2 8  ? 4.266   -3.998  0.175   1.00 0.00 ? 20  DC  B N4     1 
ATOM   617 C C5     . DC  B 2 8  ? 6.440   -3.344  -0.495  1.00 0.00 ? 20  DC  B C5     1 
ATOM   618 C C6     . DC  B 2 8  ? 7.547   -2.639  -0.154  1.00 0.00 ? 20  DC  B C6     1 
ATOM   619 H "H5'"  . DC  B 2 8  ? 10.076  0.795   -1.657  1.00 0.00 ? 20  DC  B "H5'"  1 
ATOM   620 H "H5''" . DC  B 2 8  ? 11.750  0.401   -1.267  1.00 0.00 ? 20  DC  B "H5''" 1 
ATOM   621 H "H4'"  . DC  B 2 8  ? 10.615  1.085   0.724   1.00 0.00 ? 20  DC  B "H4'"  1 
ATOM   622 H "H3'"  . DC  B 2 8  ? 12.012  -1.333  0.600   1.00 0.00 ? 20  DC  B "H3'"  1 
ATOM   623 H "H2'"  . DC  B 2 8  ? 10.135  -2.713  0.562   1.00 0.00 ? 20  DC  B "H2'"  1 
ATOM   624 H "H2''" . DC  B 2 8  ? 10.286  -2.578  2.329   1.00 0.00 ? 20  DC  B "H2''" 1 
ATOM   625 H "H1'"  . DC  B 2 8  ? 8.708   -0.813  2.464   1.00 0.00 ? 20  DC  B "H1'"  1 
ATOM   626 H H41    . DC  B 2 8  ? 4.142   -4.439  -0.717  1.00 0.00 ? 20  DC  B H41    1 
ATOM   627 H H42    . DC  B 2 8  ? 3.521   -3.941  0.864   1.00 0.00 ? 20  DC  B H42    1 
ATOM   628 H H5     . DC  B 2 8  ? 6.381   -3.831  -1.455  1.00 0.00 ? 20  DC  B H5     1 
ATOM   629 H H6     . DC  B 2 8  ? 8.383   -2.547  -0.840  1.00 0.00 ? 20  DC  B H6     1 
ATOM   630 P P      . DT  B 2 9  ? 12.583  -1.089  3.441   1.00 0.00 ? 21  DT  B P      1 
ATOM   631 O OP1    . DT  B 2 9  ? 13.383  -0.059  4.149   1.00 0.00 ? 21  DT  B OP1    1 
ATOM   632 O OP2    . DT  B 2 9  ? 13.293  -2.195  2.753   1.00 0.00 ? 21  DT  B OP2    1 
ATOM   633 O "O5'"  . DT  B 2 9  ? 11.541  -1.734  4.490   1.00 0.00 ? 21  DT  B "O5'"  1 
ATOM   634 C "C5'"  . DT  B 2 9  ? 10.786  -0.910  5.371   1.00 0.00 ? 21  DT  B "C5'"  1 
ATOM   635 C "C4'"  . DT  B 2 9  ? 9.741   -1.696  6.173   1.00 0.00 ? 21  DT  B "C4'"  1 
ATOM   636 O "O4'"  . DT  B 2 9  ? 8.745   -2.221  5.307   1.00 0.00 ? 21  DT  B "O4'"  1 
ATOM   637 C "C3'"  . DT  B 2 9  ? 10.318  -2.858  7.004   1.00 0.00 ? 21  DT  B "C3'"  1 
ATOM   638 O "O3'"  . DT  B 2 9  ? 10.127  -2.591  8.391   1.00 0.00 ? 21  DT  B "O3'"  1 
ATOM   639 C "C2'"  . DT  B 2 9  ? 9.512   -4.061  6.505   1.00 0.00 ? 21  DT  B "C2'"  1 
ATOM   640 C "C1'"  . DT  B 2 9  ? 8.272   -3.419  5.886   1.00 0.00 ? 21  DT  B "C1'"  1 
ATOM   641 N N1     . DT  B 2 9  ? 7.633   -4.272  4.846   1.00 0.00 ? 21  DT  B N1     1 
ATOM   642 C C2     . DT  B 2 9  ? 6.329   -4.729  5.073   1.00 0.00 ? 21  DT  B C2     1 
ATOM   643 O O2     . DT  B 2 9  ? 5.699   -4.542  6.111   1.00 0.00 ? 21  DT  B O2     1 
ATOM   644 N N3     . DT  B 2 9  ? 5.745   -5.449  4.058   1.00 0.00 ? 21  DT  B N3     1 
ATOM   645 C C4     . DT  B 2 9  ? 6.350   -5.831  2.887   1.00 0.00 ? 21  DT  B C4     1 
ATOM   646 O O4     . DT  B 2 9  ? 5.703   -6.507  2.088   1.00 0.00 ? 21  DT  B O4     1 
ATOM   647 C C5     . DT  B 2 9  ? 7.733   -5.379  2.734   1.00 0.00 ? 21  DT  B C5     1 
ATOM   648 C C7     . DT  B 2 9  ? 8.528   -5.755  1.495   1.00 0.00 ? 21  DT  B C7     1 
ATOM   649 C C6     . DT  B 2 9  ? 8.318   -4.618  3.697   1.00 0.00 ? 21  DT  B C6     1 
ATOM   650 H "H5'"  . DT  B 2 9  ? 10.268  -0.140  4.796   1.00 0.00 ? 21  DT  B "H5'"  1 
ATOM   651 H "H5''" . DT  B 2 9  ? 11.461  -0.416  6.071   1.00 0.00 ? 21  DT  B "H5''" 1 
ATOM   652 H "H4'"  . DT  B 2 9  ? 9.256   -0.999  6.862   1.00 0.00 ? 21  DT  B "H4'"  1 
ATOM   653 H "H3'"  . DT  B 2 9  ? 11.379  -2.999  6.783   1.00 0.00 ? 21  DT  B "H3'"  1 
ATOM   654 H "H2'"  . DT  B 2 9  ? 10.097  -4.586  5.749   1.00 0.00 ? 21  DT  B "H2'"  1 
ATOM   655 H "H2''" . DT  B 2 9  ? 9.238   -4.746  7.302   1.00 0.00 ? 21  DT  B "H2''" 1 
ATOM   656 H "H1'"  . DT  B 2 9  ? 7.560   -3.185  6.684   1.00 0.00 ? 21  DT  B "H1'"  1 
ATOM   657 H H3     . DT  B 2 9  ? 4.798   -5.759  4.216   1.00 0.00 ? 21  DT  B H3     1 
ATOM   658 H H71    . DT  B 2 9  ? 9.519   -5.299  1.507   1.00 0.00 ? 21  DT  B H71    1 
ATOM   659 H H72    . DT  B 2 9  ? 8.630   -6.840  1.452   1.00 0.00 ? 21  DT  B H72    1 
ATOM   660 H H73    . DT  B 2 9  ? 7.990   -5.430  0.605   1.00 0.00 ? 21  DT  B H73    1 
ATOM   661 H H6     . DT  B 2 9  ? 9.336   -4.274  3.574   1.00 0.00 ? 21  DT  B H6     1 
ATOM   662 P P      . DA  B 2 10 ? 10.678  -3.566  9.556   1.00 0.00 ? 22  DA  B P      1 
ATOM   663 O OP1    . DA  B 2 10 ? 10.932  -2.735  10.761  1.00 0.00 ? 22  DA  B OP1    1 
ATOM   664 O OP2    . DA  B 2 10 ? 11.783  -4.397  9.016   1.00 0.00 ? 22  DA  B OP2    1 
ATOM   665 O "O5'"  . DA  B 2 10 ? 9.422   -4.530  9.855   1.00 0.00 ? 22  DA  B "O5'"  1 
ATOM   666 C "C5'"  . DA  B 2 10 ? 8.210   -4.006  10.388  1.00 0.00 ? 22  DA  B "C5'"  1 
ATOM   667 C "C4'"  . DA  B 2 10 ? 7.115   -5.073  10.548  1.00 0.00 ? 22  DA  B "C4'"  1 
ATOM   668 O "O4'"  . DA  B 2 10 ? 6.644   -5.494  9.272   1.00 0.00 ? 22  DA  B "O4'"  1 
ATOM   669 C "C3'"  . DA  B 2 10 ? 7.574   -6.317  11.329  1.00 0.00 ? 22  DA  B "C3'"  1 
ATOM   670 O "O3'"  . DA  B 2 10 ? 6.669   -6.550  12.404  1.00 0.00 ? 22  DA  B "O3'"  1 
ATOM   671 C "C2'"  . DA  B 2 10 ? 7.540   -7.407  10.255  1.00 0.00 ? 22  DA  B "C2'"  1 
ATOM   672 C "C1'"  . DA  B 2 10 ? 6.457   -6.896  9.309   1.00 0.00 ? 22  DA  B "C1'"  1 
ATOM   673 N N9     . DA  B 2 10 ? 6.576   -7.438  7.935   1.00 0.00 ? 22  DA  B N9     1 
ATOM   674 C C8     . DA  B 2 10 ? 7.644   -7.352  7.072   1.00 0.00 ? 22  DA  B C8     1 
ATOM   675 N N7     . DA  B 2 10 ? 7.425   -7.852  5.883   1.00 0.00 ? 22  DA  B N7     1 
ATOM   676 C C5     . DA  B 2 10 ? 6.112   -8.340  5.991   1.00 0.00 ? 22  DA  B C5     1 
ATOM   677 C C6     . DA  B 2 10 ? 5.215   -9.003  5.117   1.00 0.00 ? 22  DA  B C6     1 
ATOM   678 N N6     . DA  B 2 10 ? 5.471   -9.291  3.856   1.00 0.00 ? 22  DA  B N6     1 
ATOM   679 N N1     . DA  B 2 10 ? 4.003   -9.387  5.527   1.00 0.00 ? 22  DA  B N1     1 
ATOM   680 C C2     . DA  B 2 10 ? 3.647   -9.101  6.773   1.00 0.00 ? 22  DA  B C2     1 
ATOM   681 N N3     . DA  B 2 10 ? 4.357   -8.461  7.695   1.00 0.00 ? 22  DA  B N3     1 
ATOM   682 C C4     . DA  B 2 10 ? 5.595   -8.109  7.240   1.00 0.00 ? 22  DA  B C4     1 
ATOM   683 H "H5'"  . DA  B 2 10 ? 7.831   -3.219  9.734   1.00 0.00 ? 22  DA  B "H5'"  1 
ATOM   684 H "H5''" . DA  B 2 10 ? 8.406   -3.569  11.368  1.00 0.00 ? 22  DA  B "H5''" 1 
ATOM   685 H "H4'"  . DA  B 2 10 ? 6.282   -4.616  11.087  1.00 0.00 ? 22  DA  B "H4'"  1 
ATOM   686 H "H3'"  . DA  B 2 10 ? 8.589   -6.185  11.709  1.00 0.00 ? 22  DA  B "H3'"  1 
ATOM   687 H "H2'"  . DA  B 2 10 ? 8.506   -7.434  9.749   1.00 0.00 ? 22  DA  B "H2'"  1 
ATOM   688 H "H2''" . DA  B 2 10 ? 7.297   -8.390  10.654  1.00 0.00 ? 22  DA  B "H2''" 1 
ATOM   689 H "H1'"  . DA  B 2 10 ? 5.472   -7.135  9.724   1.00 0.00 ? 22  DA  B "H1'"  1 
ATOM   690 H H8     . DA  B 2 10 ? 8.578   -6.883  7.359   1.00 0.00 ? 22  DA  B H8     1 
ATOM   691 H H61    . DA  B 2 10 ? 6.354   -9.016  3.459   1.00 0.00 ? 22  DA  B H61    1 
ATOM   692 H H62    . DA  B 2 10 ? 4.741   -9.697  3.283   1.00 0.00 ? 22  DA  B H62    1 
ATOM   693 H H2     . DA  B 2 10 ? 2.655   -9.418  7.070   1.00 0.00 ? 22  DA  B H2     1 
ATOM   694 P P      . DG  B 2 11 ? 6.905   -7.695  13.515  1.00 0.00 ? 23  DG  B P      1 
ATOM   695 O OP1    . DG  B 2 11 ? 6.302   -7.228  14.788  1.00 0.00 ? 23  DG  B OP1    1 
ATOM   696 O OP2    . DG  B 2 11 ? 8.333   -8.100  13.506  1.00 0.00 ? 23  DG  B OP2    1 
ATOM   697 O "O5'"  . DG  B 2 11 ? 6.030   -8.925  12.954  1.00 0.00 ? 23  DG  B "O5'"  1 
ATOM   698 C "C5'"  . DG  B 2 11 ? 4.608   -8.860  12.932  1.00 0.00 ? 23  DG  B "C5'"  1 
ATOM   699 C "C4'"  . DG  B 2 11 ? 3.963   -10.119 12.339  1.00 0.00 ? 23  DG  B "C4'"  1 
ATOM   700 O "O4'"  . DG  B 2 11 ? 4.177   -10.172 10.933  1.00 0.00 ? 23  DG  B "O4'"  1 
ATOM   701 C "C3'"  . DG  B 2 11 ? 4.486   -11.430 12.962  1.00 0.00 ? 23  DG  B "C3'"  1 
ATOM   702 O "O3'"  . DG  B 2 11 ? 3.383   -12.182 13.459  1.00 0.00 ? 23  DG  B "O3'"  1 
ATOM   703 C "C2'"  . DG  B 2 11 ? 5.195   -12.083 11.773  1.00 0.00 ? 23  DG  B "C2'"  1 
ATOM   704 C "C1'"  . DG  B 2 11 ? 4.425   -11.519 10.581  1.00 0.00 ? 23  DG  B "C1'"  1 
ATOM   705 N N9     . DG  B 2 11 ? 5.181   -11.581 9.306   1.00 0.00 ? 23  DG  B N9     1 
ATOM   706 C C8     . DG  B 2 11 ? 6.469   -11.174 9.050   1.00 0.00 ? 23  DG  B C8     1 
ATOM   707 N N7     . DG  B 2 11 ? 6.857   -11.357 7.815   1.00 0.00 ? 23  DG  B N7     1 
ATOM   708 C C5     . DG  B 2 11 ? 5.737   -11.938 7.203   1.00 0.00 ? 23  DG  B C5     1 
ATOM   709 C C6     . DG  B 2 11 ? 5.508   -12.385 5.852   1.00 0.00 ? 23  DG  B C6     1 
ATOM   710 O O6     . DG  B 2 11 ? 6.270   -12.358 4.884   1.00 0.00 ? 23  DG  B O6     1 
ATOM   711 N N1     . DG  B 2 11 ? 4.247   -12.905 5.648   1.00 0.00 ? 23  DG  B N1     1 
ATOM   712 C C2     . DG  B 2 11 ? 3.305   -12.998 6.616   1.00 0.00 ? 23  DG  B C2     1 
ATOM   713 N N2     . DG  B 2 11 ? 2.166   -13.543 6.288   1.00 0.00 ? 23  DG  B N2     1 
ATOM   714 N N3     . DG  B 2 11 ? 3.467   -12.607 7.877   1.00 0.00 ? 23  DG  B N3     1 
ATOM   715 C C4     . DG  B 2 11 ? 4.708   -12.078 8.112   1.00 0.00 ? 23  DG  B C4     1 
ATOM   716 H "H5'"  . DG  B 2 11 ? 4.288   -7.996  12.347  1.00 0.00 ? 23  DG  B "H5'"  1 
ATOM   717 H "H5''" . DG  B 2 11 ? 4.237   -8.735  13.951  1.00 0.00 ? 23  DG  B "H5''" 1 
ATOM   718 H "H4'"  . DG  B 2 11 ? 2.887   -10.061 12.519  1.00 0.00 ? 23  DG  B "H4'"  1 
ATOM   719 H "H3'"  . DG  B 2 11 ? 5.198   -11.228 13.764  1.00 0.00 ? 23  DG  B "H3'"  1 
ATOM   720 H "H2'"  . DG  B 2 11 ? 6.231   -11.746 11.754  1.00 0.00 ? 23  DG  B "H2'"  1 
ATOM   721 H "H2''" . DG  B 2 11 ? 5.154   -13.169 11.805  1.00 0.00 ? 23  DG  B "H2''" 1 
ATOM   722 H "H1'"  . DG  B 2 11 ? 3.480   -12.061 10.477  1.00 0.00 ? 23  DG  B "H1'"  1 
ATOM   723 H H8     . DG  B 2 11 ? 7.098   -10.729 9.813   1.00 0.00 ? 23  DG  B H8     1 
ATOM   724 H H1     . DG  B 2 11 ? 4.021   -13.217 4.716   1.00 0.00 ? 23  DG  B H1     1 
ATOM   725 H H21    . DG  B 2 11 ? 1.453   -13.601 6.992   1.00 0.00 ? 23  DG  B H21    1 
ATOM   726 H H22    . DG  B 2 11 ? 2.000   -13.854 5.333   1.00 0.00 ? 23  DG  B H22    1 
ATOM   727 P P      . DC  B 2 12 ? 3.546   -13.598 14.221  1.00 0.00 ? 24  DC  B P      1 
ATOM   728 O OP1    . DC  B 2 12 ? 2.509   -13.670 15.280  1.00 0.00 ? 24  DC  B OP1    1 
ATOM   729 O OP2    . DC  B 2 12 ? 4.968   -13.799 14.595  1.00 0.00 ? 24  DC  B OP2    1 
ATOM   730 O "O5'"  . DC  B 2 12 ? 3.172   -14.654 13.065  1.00 0.00 ? 24  DC  B "O5'"  1 
ATOM   731 C "C5'"  . DC  B 2 12 ? 1.858   -14.690 12.517  1.00 0.00 ? 24  DC  B "C5'"  1 
ATOM   732 C "C4'"  . DC  B 2 12 ? 1.740   -15.626 11.307  1.00 0.00 ? 24  DC  B "C4'"  1 
ATOM   733 O "O4'"  . DC  B 2 12 ? 2.576   -15.152 10.257  1.00 0.00 ? 24  DC  B "O4'"  1 
ATOM   734 C "C3'"  . DC  B 2 12 ? 2.127   -17.089 11.610  1.00 0.00 ? 24  DC  B "C3'"  1 
ATOM   735 O "O3'"  . DC  B 2 12 ? 1.104   -18.006 11.224  1.00 0.00 ? 24  DC  B "O3'"  1 
ATOM   736 C "C2'"  . DC  B 2 12 ? 3.357   -17.309 10.733  1.00 0.00 ? 24  DC  B "C2'"  1 
ATOM   737 C "C1'"  . DC  B 2 12 ? 3.160   -16.273 9.621   1.00 0.00 ? 24  DC  B "C1'"  1 
ATOM   738 N N1     . DC  B 2 12 ? 4.432   -15.874 8.960   1.00 0.00 ? 24  DC  B N1     1 
ATOM   739 C C2     . DC  B 2 12 ? 4.589   -16.089 7.583   1.00 0.00 ? 24  DC  B C2     1 
ATOM   740 O O2     . DC  B 2 12 ? 3.710   -16.607 6.892   1.00 0.00 ? 24  DC  B O2     1 
ATOM   741 N N3     . DC  B 2 12 ? 5.738   -15.743 6.954   1.00 0.00 ? 24  DC  B N3     1 
ATOM   742 C C4     . DC  B 2 12 ? 6.708   -15.211 7.666   1.00 0.00 ? 24  DC  B C4     1 
ATOM   743 N N4     . DC  B 2 12 ? 7.784   -14.901 7.005   1.00 0.00 ? 24  DC  B N4     1 
ATOM   744 C C5     . DC  B 2 12 ? 6.617   -14.968 9.064   1.00 0.00 ? 24  DC  B C5     1 
ATOM   745 C C6     . DC  B 2 12 ? 5.459   -15.313 9.681   1.00 0.00 ? 24  DC  B C6     1 
ATOM   746 H "H5'"  . DC  B 2 12 ? 1.570   -13.687 12.196  1.00 0.00 ? 24  DC  B "H5'"  1 
ATOM   747 H "H5''" . DC  B 2 12 ? 1.152   -15.016 13.282  1.00 0.00 ? 24  DC  B "H5''" 1 
ATOM   748 H "H4'"  . DC  B 2 12 ? 0.705   -15.606 10.961  1.00 0.00 ? 24  DC  B "H4'"  1 
ATOM   749 H "H3'"  . DC  B 2 12 ? 2.390   -17.219 12.664  1.00 0.00 ? 24  DC  B "H3'"  1 
ATOM   750 H "HO3'" . DC  B 2 12 ? 0.380   -17.984 11.885  1.00 0.00 ? 24  DC  B "HO3'" 1 
ATOM   751 H "H2'"  . DC  B 2 12 ? 4.251   -17.099 11.319  1.00 0.00 ? 24  DC  B "H2'"  1 
ATOM   752 H "H2''" . DC  B 2 12 ? 3.403   -18.321 10.329  1.00 0.00 ? 24  DC  B "H2''" 1 
ATOM   753 H "H1'"  . DC  B 2 12 ? 2.453   -16.680 8.891   1.00 0.00 ? 24  DC  B "H1'"  1 
ATOM   754 H H41    . DC  B 2 12 ? 8.560   -14.474 7.481   1.00 0.00 ? 24  DC  B H41    1 
ATOM   755 H H42    . DC  B 2 12 ? 7.781   -15.065 6.004   1.00 0.00 ? 24  DC  B H42    1 
ATOM   756 H H5     . DC  B 2 12 ? 7.422   -14.526 9.631   1.00 0.00 ? 24  DC  B H5     1 
ATOM   757 H H6     . DC  B 2 12 ? 5.325   -15.151 10.746  1.00 0.00 ? 24  DC  B H6     1 
HETATM 758 C C1     . HNB C 3 .  ? 7.958   4.042   -3.247  1.00 0.00 ? 125 HNB A C1     1 
HETATM 759 C C2     . HNB C 3 .  ? 6.871   3.096   -2.774  1.00 0.00 ? 125 HNB A C2     1 
HETATM 760 C C3     . HNB C 3 .  ? 5.995   4.022   -1.959  1.00 0.00 ? 125 HNB A C3     1 
HETATM 761 C C4     . HNB C 3 .  ? 6.126   5.359   -2.724  1.00 0.00 ? 125 HNB A C4     1 
HETATM 762 C C5     . HNB C 3 .  ? 5.056   5.729   -3.774  1.00 0.00 ? 125 HNB A C5     1 
HETATM 763 C C6     . HNB C 3 .  ? 4.989   4.901   -5.068  1.00 0.00 ? 125 HNB A C6     1 
HETATM 764 C C7     . HNB C 3 .  ? 3.913   5.493   -6.002  1.00 0.00 ? 125 HNB A C7     1 
HETATM 765 C C8     . HNB C 3 .  ? 3.712   4.726   -7.317  1.00 0.00 ? 125 HNB A C8     1 
HETATM 766 C C9     . HNB C 3 .  ? 4.952   4.743   -8.220  1.00 0.00 ? 125 HNB A C9     1 
HETATM 767 O O4     . HNB C 3 .  ? 7.408   5.338   -3.353  1.00 0.00 ? 125 HNB A O4     1 
HETATM 768 O O1     . HNB C 3 .  ? 8.907   4.261   -2.239  1.00 0.00 ? 125 HNB A O1     1 
HETATM 769 H H3     . HNB C 3 .  ? 6.465   4.147   -0.979  1.00 0.00 ? 125 HNB A H3     1 
HETATM 770 H H4     . HNB C 3 .  ? 6.117   6.155   -1.978  1.00 0.00 ? 125 HNB A H4     1 
HETATM 771 H H1     . HNB C 3 .  ? 8.430   3.710   -4.175  1.00 0.00 ? 125 HNB A H1     1 
HETATM 772 H HO1    . HNB C 3 .  ? 9.371   5.074   -2.496  1.00 0.00 ? 125 HNB A HO1    1 
HETATM 773 H H12    . HNB C 3 .  ? 6.331   2.702   -3.631  1.00 0.00 ? 125 HNB A H12    1 
HETATM 774 H H22    . HNB C 3 .  ? 7.277   2.293   -2.164  1.00 0.00 ? 125 HNB A H22    1 
HETATM 775 H H15    . HNB C 3 .  ? 4.082   5.685   -3.303  1.00 0.00 ? 125 HNB A H15    1 
HETATM 776 H H25    . HNB C 3 .  ? 5.234   6.767   -4.052  1.00 0.00 ? 125 HNB A H25    1 
HETATM 777 H H16    . HNB C 3 .  ? 4.729   3.869   -4.833  1.00 0.00 ? 125 HNB A H16    1 
HETATM 778 H H26    . HNB C 3 .  ? 5.960   4.926   -5.564  1.00 0.00 ? 125 HNB A H26    1 
HETATM 779 H H17    . HNB C 3 .  ? 2.958   5.504   -5.473  1.00 0.00 ? 125 HNB A H17    1 
HETATM 780 H H27    . HNB C 3 .  ? 4.175   6.522   -6.245  1.00 0.00 ? 125 HNB A H27    1 
HETATM 781 H H18    . HNB C 3 .  ? 3.441   3.694   -7.096  1.00 0.00 ? 125 HNB A H18    1 
HETATM 782 H H28    . HNB C 3 .  ? 2.886   5.192   -7.859  1.00 0.00 ? 125 HNB A H28    1 
HETATM 783 H H19    . HNB C 3 .  ? 4.696   4.303   -9.185  1.00 0.00 ? 125 HNB A H19    1 
HETATM 784 H H29    . HNB C 3 .  ? 5.753   4.157   -7.765  1.00 0.00 ? 125 HNB A H29    1 
HETATM 785 H H39    . HNB C 3 .  ? 5.285   5.772   -8.371  1.00 0.00 ? 125 HNB A H39    1 
# 
